data_2ANT
#
_entry.id   2ANT
#
_cell.length_a   61.410
_cell.length_b   98.310
_cell.length_c   90.410
_cell.angle_alpha   90.00
_cell.angle_beta   103.32
_cell.angle_gamma   90.00
#
_symmetry.space_group_name_H-M   'P 1 21 1'
#
loop_
_entity.id
_entity.type
_entity.pdbx_description
1 polymer ANTITHROMBIN
2 non-polymer 2-acetamido-2-deoxy-beta-D-allopyranose
3 water water
#
_entity_poly.entity_id   1
_entity_poly.type   'polypeptide(L)'
_entity_poly.pdbx_seq_one_letter_code
;HGSPVDICTAKPRDIPMNPMCIYRSPEKKATEDEGSEQKIPEATNRRVWELSKANSRFATTFYQHLADSKNDNDNIFLSP
LSISTAFAMTKLGACNDTLQQLMEVFKFDTISEKTSDQIHFFFAKLNCRLYRKANKSSKLVSANRLFGDKSLTFNETYQD
ISELVYGAKLQPLDFKENAEQSRAAINKWVSNKTEGRITDVIPSEAINELTVLVLVNTIYFKGLWKSKFSPENTRKELFY
KADGESCSASMMYQEGKFRYRRVAEGTQVLELPFKGDDITMVLILPKPEKSLAKVEKELTPEVLQEWLDELEEMMLVVHM
PRFRIEDGFSLKEQLQDMGLVDLFSPEKSKLPGIVAEGRDDLYVSDAFHKAFLEVNEEGSEAAASTAVVIAGRSLNPNRV
TFKANRPFLVFIREVPLNTIIFMGRVANPCVK
;
_entity_poly.pdbx_strand_id   L,I
#
# COMPACT_ATOMS: atom_id res chain seq x y z
N ILE A 7 -18.01 2.03 -3.04
CA ILE A 7 -19.14 2.92 -2.90
C ILE A 7 -20.22 2.26 -2.05
N CYS A 8 -19.86 1.09 -1.55
CA CYS A 8 -20.69 0.27 -0.70
C CYS A 8 -21.32 1.14 0.36
N THR A 9 -22.64 1.36 0.23
CA THR A 9 -23.43 2.21 1.13
C THR A 9 -22.95 2.28 2.57
N ALA A 10 -21.80 2.94 2.64
CA ALA A 10 -21.01 3.21 3.81
C ALA A 10 -20.08 4.31 3.38
N LYS A 11 -19.73 4.22 2.10
CA LYS A 11 -18.87 5.15 1.39
C LYS A 11 -18.28 4.49 0.17
N ASP A 14 -24.92 5.58 -7.43
CA ASP A 14 -25.89 6.64 -7.24
C ASP A 14 -25.26 8.02 -7.04
N ILE A 15 -25.37 8.51 -5.83
CA ILE A 15 -24.88 9.83 -5.46
C ILE A 15 -23.44 10.21 -5.84
N PRO A 16 -22.48 9.34 -5.54
CA PRO A 16 -21.09 9.62 -5.82
C PRO A 16 -20.75 9.96 -7.26
N MET A 17 -19.71 10.75 -7.40
CA MET A 17 -19.20 11.26 -8.65
C MET A 17 -18.12 10.40 -9.29
N ASN A 18 -17.92 10.65 -10.59
CA ASN A 18 -16.94 9.95 -11.43
C ASN A 18 -16.93 10.58 -12.81
N PRO A 19 -15.75 11.00 -13.28
CA PRO A 19 -15.70 11.65 -14.57
C PRO A 19 -14.61 11.20 -15.53
N MET A 20 -15.05 10.92 -16.76
CA MET A 20 -14.23 10.49 -17.87
C MET A 20 -15.10 10.23 -19.10
N CYS A 21 -14.60 9.58 -20.15
CA CYS A 21 -15.45 9.34 -21.30
C CYS A 21 -16.63 8.46 -21.00
N ILE A 22 -17.84 8.94 -21.33
CA ILE A 22 -19.05 8.16 -21.08
C ILE A 22 -19.76 7.79 -22.37
N TYR A 23 -20.01 6.50 -22.53
CA TYR A 23 -20.66 5.99 -23.72
C TYR A 23 -22.11 5.64 -23.46
N ARG A 24 -22.94 5.85 -24.49
CA ARG A 24 -24.37 5.57 -24.50
C ARG A 24 -24.70 4.65 -25.65
N SER A 25 -25.53 3.64 -25.33
CA SER A 25 -26.00 2.64 -26.28
C SER A 25 -27.43 2.89 -26.73
N ALA A 43 -36.92 -1.29 -5.74
CA ALA A 43 -35.47 -1.32 -5.63
C ALA A 43 -34.79 -1.35 -6.98
N THR A 44 -33.57 -0.86 -7.03
CA THR A 44 -32.85 -0.87 -8.28
C THR A 44 -31.77 -1.95 -8.34
N ASN A 45 -32.02 -3.07 -7.65
CA ASN A 45 -31.10 -4.19 -7.68
C ASN A 45 -31.17 -4.78 -9.07
N ARG A 46 -32.25 -4.44 -9.76
CA ARG A 46 -32.42 -4.96 -11.10
C ARG A 46 -31.23 -4.61 -11.98
N ARG A 47 -30.47 -3.63 -11.53
CA ARG A 47 -29.27 -3.17 -12.23
C ARG A 47 -28.12 -4.09 -11.86
N VAL A 48 -28.13 -4.49 -10.58
CA VAL A 48 -27.15 -5.40 -10.03
C VAL A 48 -27.39 -6.80 -10.56
N TRP A 49 -28.69 -7.13 -10.66
CA TRP A 49 -29.17 -8.39 -11.20
C TRP A 49 -28.92 -8.39 -12.68
N GLU A 50 -29.00 -7.20 -13.26
CA GLU A 50 -28.72 -7.03 -14.66
C GLU A 50 -27.24 -7.30 -14.87
N LEU A 51 -26.41 -6.57 -14.11
CA LEU A 51 -24.96 -6.72 -14.16
C LEU A 51 -24.55 -8.17 -14.05
N SER A 52 -25.19 -8.89 -13.12
CA SER A 52 -24.92 -10.29 -12.89
C SER A 52 -25.14 -11.09 -14.17
N LYS A 53 -26.19 -10.73 -14.88
CA LYS A 53 -26.53 -11.41 -16.10
C LYS A 53 -25.50 -11.12 -17.17
N ALA A 54 -25.15 -9.86 -17.28
CA ALA A 54 -24.14 -9.48 -18.25
C ALA A 54 -22.88 -10.29 -18.01
N ASN A 55 -22.45 -10.25 -16.74
CA ASN A 55 -21.30 -10.97 -16.23
C ASN A 55 -21.33 -12.44 -16.63
N SER A 56 -22.53 -13.07 -16.42
CA SER A 56 -22.82 -14.48 -16.73
C SER A 56 -22.84 -14.75 -18.23
N ARG A 57 -23.32 -13.76 -18.97
CA ARG A 57 -23.34 -13.86 -20.43
C ARG A 57 -21.91 -13.92 -21.01
N PHE A 58 -21.01 -13.10 -20.42
CA PHE A 58 -19.60 -13.00 -20.81
C PHE A 58 -18.86 -14.29 -20.44
N ALA A 59 -19.30 -14.88 -19.32
CA ALA A 59 -18.72 -16.12 -18.83
C ALA A 59 -18.94 -17.33 -19.73
N THR A 60 -20.18 -17.56 -20.08
CA THR A 60 -20.53 -18.65 -20.97
C THR A 60 -19.86 -18.47 -22.35
N THR A 61 -19.89 -17.25 -22.86
CA THR A 61 -19.27 -16.93 -24.16
C THR A 61 -17.75 -17.03 -24.09
N PHE A 62 -17.21 -16.64 -22.95
CA PHE A 62 -15.79 -16.74 -22.78
C PHE A 62 -15.41 -18.21 -22.74
N TYR A 63 -16.12 -18.98 -21.89
CA TYR A 63 -15.87 -20.42 -21.73
C TYR A 63 -15.86 -21.17 -23.05
N GLN A 64 -16.75 -20.76 -23.91
CA GLN A 64 -16.83 -21.42 -25.19
C GLN A 64 -15.54 -21.27 -26.00
N HIS A 65 -15.20 -20.01 -26.29
CA HIS A 65 -14.01 -19.65 -27.04
C HIS A 65 -12.84 -20.41 -26.46
N LEU A 66 -12.65 -20.23 -25.15
CA LEU A 66 -11.60 -20.91 -24.40
C LEU A 66 -11.57 -22.38 -24.71
N ALA A 67 -12.71 -23.04 -24.49
CA ALA A 67 -12.92 -24.45 -24.76
C ALA A 67 -12.55 -24.75 -26.19
N ASP A 68 -13.19 -24.05 -27.12
CA ASP A 68 -12.98 -24.16 -28.55
C ASP A 68 -11.51 -24.08 -28.92
N SER A 69 -10.74 -23.49 -28.01
CA SER A 69 -9.31 -23.32 -28.19
C SER A 69 -8.45 -24.40 -27.55
N LYS A 70 -9.04 -25.13 -26.62
CA LYS A 70 -8.29 -26.16 -25.95
C LYS A 70 -8.72 -27.55 -26.39
N ASN A 71 -7.95 -28.56 -25.99
CA ASN A 71 -8.26 -29.94 -26.29
C ASN A 71 -9.36 -30.41 -25.36
N ASP A 72 -10.40 -30.95 -25.99
CA ASP A 72 -11.58 -31.46 -25.34
C ASP A 72 -11.28 -32.23 -24.07
N ASN A 73 -10.18 -32.98 -24.12
CA ASN A 73 -9.80 -33.76 -22.97
C ASN A 73 -8.91 -33.02 -21.98
N ASP A 74 -8.86 -31.68 -22.12
CA ASP A 74 -8.07 -30.82 -21.25
C ASP A 74 -8.83 -30.10 -20.12
N ASN A 75 -8.08 -29.71 -19.10
CA ASN A 75 -8.65 -29.04 -17.95
C ASN A 75 -8.93 -27.56 -18.20
N ILE A 76 -10.00 -27.05 -17.60
CA ILE A 76 -10.30 -25.65 -17.74
C ILE A 76 -10.73 -25.18 -16.38
N PHE A 77 -10.31 -23.99 -15.98
CA PHE A 77 -10.67 -23.41 -14.71
C PHE A 77 -10.44 -21.92 -14.67
N LEU A 78 -11.52 -21.21 -14.42
CA LEU A 78 -11.42 -19.79 -14.36
C LEU A 78 -12.49 -19.14 -13.50
N SER A 79 -12.23 -17.88 -13.23
CA SER A 79 -13.14 -17.02 -12.54
C SER A 79 -13.50 -15.90 -13.52
N PRO A 80 -14.57 -16.11 -14.28
CA PRO A 80 -15.02 -15.12 -15.25
C PRO A 80 -15.26 -13.79 -14.55
N LEU A 81 -15.67 -13.89 -13.27
CA LEU A 81 -15.93 -12.73 -12.39
C LEU A 81 -14.69 -11.86 -12.24
N SER A 82 -13.55 -12.52 -12.03
CA SER A 82 -12.28 -11.84 -11.90
C SER A 82 -11.95 -11.06 -13.16
N ILE A 83 -12.20 -11.70 -14.30
CA ILE A 83 -11.98 -11.18 -15.63
C ILE A 83 -12.87 -9.96 -15.84
N SER A 84 -14.11 -10.12 -15.42
CA SER A 84 -15.09 -9.05 -15.48
C SER A 84 -14.58 -7.77 -14.79
N THR A 85 -14.21 -7.91 -13.51
CA THR A 85 -13.74 -6.85 -12.63
C THR A 85 -12.56 -6.09 -13.18
N ALA A 86 -11.50 -6.84 -13.42
CA ALA A 86 -10.26 -6.34 -13.94
C ALA A 86 -10.47 -5.52 -15.19
N PHE A 87 -11.45 -5.95 -16.01
CA PHE A 87 -11.78 -5.26 -17.24
C PHE A 87 -12.67 -4.03 -17.03
N ALA A 88 -13.44 -4.06 -15.94
CA ALA A 88 -14.28 -2.94 -15.58
C ALA A 88 -13.32 -1.86 -15.03
N MET A 89 -12.33 -2.36 -14.31
CA MET A 89 -11.35 -1.47 -13.77
C MET A 89 -10.60 -0.81 -14.92
N THR A 90 -10.29 -1.62 -15.94
CA THR A 90 -9.59 -1.11 -17.10
C THR A 90 -10.43 -0.04 -17.83
N LYS A 91 -11.74 -0.31 -17.88
CA LYS A 91 -12.75 0.53 -18.50
C LYS A 91 -12.79 1.97 -17.97
N LEU A 92 -12.40 2.17 -16.73
CA LEU A 92 -12.36 3.49 -16.06
C LEU A 92 -11.67 4.64 -16.82
N GLY A 93 -10.66 4.35 -17.65
CA GLY A 93 -9.97 5.40 -18.38
C GLY A 93 -10.09 5.19 -19.89
N ALA A 94 -11.00 4.33 -20.31
CA ALA A 94 -11.17 4.07 -21.72
C ALA A 94 -11.95 5.18 -22.42
N CYS A 95 -11.64 5.34 -23.71
CA CYS A 95 -12.27 6.34 -24.53
C CYS A 95 -12.90 5.80 -25.82
N ASN A 96 -13.71 6.69 -26.40
CA ASN A 96 -14.48 6.52 -27.63
C ASN A 96 -14.10 5.37 -28.56
N ASP A 97 -14.76 4.21 -28.37
CA ASP A 97 -14.57 2.99 -29.18
C ASP A 97 -13.81 1.89 -28.46
N THR A 98 -12.75 2.29 -27.72
CA THR A 98 -12.01 1.33 -26.92
C THR A 98 -12.96 0.95 -25.78
N LEU A 99 -13.63 2.00 -25.35
CA LEU A 99 -14.63 1.94 -24.31
C LEU A 99 -15.87 1.18 -24.76
N GLN A 100 -16.31 1.50 -26.00
CA GLN A 100 -17.46 0.89 -26.65
C GLN A 100 -17.33 -0.62 -26.73
N GLN A 101 -16.17 -1.08 -27.20
CA GLN A 101 -15.89 -2.50 -27.31
C GLN A 101 -15.99 -3.16 -25.93
N LEU A 102 -15.29 -2.53 -24.95
CA LEU A 102 -15.25 -2.97 -23.57
C LEU A 102 -16.67 -3.18 -23.05
N MET A 103 -17.54 -2.25 -23.45
CA MET A 103 -18.93 -2.25 -23.06
C MET A 103 -19.72 -3.40 -23.67
N GLU A 104 -19.48 -3.61 -24.96
CA GLU A 104 -20.16 -4.67 -25.68
C GLU A 104 -19.64 -6.07 -25.34
N VAL A 105 -18.30 -6.22 -25.32
CA VAL A 105 -17.71 -7.52 -25.03
C VAL A 105 -18.09 -8.08 -23.66
N PHE A 106 -17.96 -7.28 -22.60
CA PHE A 106 -18.30 -7.72 -21.26
C PHE A 106 -19.80 -7.62 -21.03
N LYS A 107 -20.53 -7.38 -22.12
CA LYS A 107 -21.98 -7.24 -22.19
C LYS A 107 -22.54 -6.11 -21.35
N PHE A 108 -21.71 -5.09 -21.07
CA PHE A 108 -22.12 -3.97 -20.25
C PHE A 108 -23.32 -3.27 -20.80
N ASP A 109 -23.36 -3.27 -22.13
CA ASP A 109 -24.44 -2.66 -22.87
C ASP A 109 -25.77 -3.46 -22.81
N THR A 110 -25.90 -4.40 -21.85
CA THR A 110 -27.15 -5.16 -21.75
C THR A 110 -27.99 -4.66 -20.59
N ILE A 111 -27.32 -4.02 -19.63
CA ILE A 111 -28.02 -3.49 -18.48
C ILE A 111 -28.78 -2.22 -18.85
N SER A 112 -29.89 -1.96 -18.17
CA SER A 112 -30.69 -0.78 -18.47
C SER A 112 -30.28 0.58 -17.91
N GLU A 113 -30.01 1.48 -18.86
CA GLU A 113 -29.56 2.85 -18.68
C GLU A 113 -28.09 2.90 -19.04
N LYS A 114 -27.85 3.14 -20.33
CA LYS A 114 -26.54 3.21 -20.97
C LYS A 114 -25.34 3.49 -20.07
N THR A 115 -25.42 4.61 -19.34
CA THR A 115 -24.44 5.13 -18.40
C THR A 115 -23.21 4.27 -18.13
N SER A 116 -22.17 4.49 -18.94
CA SER A 116 -20.92 3.76 -18.83
C SER A 116 -20.37 3.81 -17.41
N ASP A 117 -20.53 4.98 -16.80
CA ASP A 117 -20.07 5.22 -15.45
C ASP A 117 -20.87 4.51 -14.35
N GLN A 118 -22.16 4.23 -14.60
CA GLN A 118 -22.95 3.55 -13.60
C GLN A 118 -22.64 2.07 -13.53
N ILE A 119 -21.85 1.61 -14.49
CA ILE A 119 -21.45 0.21 -14.50
C ILE A 119 -20.67 -0.03 -13.23
N HIS A 120 -19.58 0.70 -13.12
CA HIS A 120 -18.71 0.66 -11.97
C HIS A 120 -19.46 0.76 -10.65
N PHE A 121 -20.50 1.59 -10.60
CA PHE A 121 -21.26 1.72 -9.39
C PHE A 121 -22.00 0.42 -9.02
N PHE A 122 -22.60 -0.23 -10.02
CA PHE A 122 -23.31 -1.49 -9.84
C PHE A 122 -22.36 -2.58 -9.41
N PHE A 123 -21.16 -2.53 -9.97
CA PHE A 123 -20.09 -3.46 -9.69
C PHE A 123 -19.73 -3.35 -8.23
N ALA A 124 -19.64 -2.10 -7.79
CA ALA A 124 -19.34 -1.71 -6.44
C ALA A 124 -20.33 -2.30 -5.47
N LYS A 125 -21.60 -2.19 -5.86
CA LYS A 125 -22.71 -2.73 -5.09
C LYS A 125 -22.67 -4.24 -5.12
N LEU A 126 -22.32 -4.78 -6.29
CA LEU A 126 -22.28 -6.21 -6.54
C LEU A 126 -21.26 -6.94 -5.68
N ASN A 127 -20.04 -6.39 -5.74
CA ASN A 127 -18.88 -6.89 -5.03
C ASN A 127 -19.15 -6.78 -3.55
N CYS A 128 -19.85 -5.68 -3.24
CA CYS A 128 -20.26 -5.36 -1.89
C CYS A 128 -20.93 -6.55 -1.23
N ARG A 129 -22.12 -6.85 -1.74
CA ARG A 129 -22.92 -7.97 -1.31
C ARG A 129 -22.12 -9.27 -1.35
N LEU A 130 -21.20 -9.35 -2.33
CA LEU A 130 -20.41 -10.53 -2.53
C LEU A 130 -19.38 -10.78 -1.45
N TYR A 131 -18.52 -9.82 -1.18
CA TYR A 131 -17.46 -10.08 -0.22
C TYR A 131 -17.69 -9.53 1.17
N ARG A 132 -18.55 -8.53 1.26
CA ARG A 132 -18.86 -7.92 2.52
C ARG A 132 -20.04 -8.50 3.28
N LYS A 133 -19.67 -8.98 4.46
CA LYS A 133 -20.47 -9.59 5.50
C LYS A 133 -21.83 -10.21 5.19
N ALA A 134 -21.98 -10.87 4.03
CA ALA A 134 -23.17 -11.59 3.62
C ALA A 134 -22.75 -13.05 3.63
N ASN A 135 -22.14 -13.27 4.76
CA ASN A 135 -21.31 -14.23 5.46
C ASN A 135 -21.27 -15.72 5.69
N LYS A 136 -20.39 -15.71 6.69
CA LYS A 136 -19.69 -16.61 7.59
C LYS A 136 -19.80 -18.10 7.52
N SER A 137 -20.19 -18.64 6.38
CA SER A 137 -20.24 -20.08 6.35
C SER A 137 -19.20 -20.61 5.37
N SER A 138 -18.65 -19.65 4.62
CA SER A 138 -17.65 -19.86 3.60
C SER A 138 -16.86 -18.57 3.42
N LYS A 139 -15.64 -18.69 2.93
CA LYS A 139 -14.82 -17.51 2.78
C LYS A 139 -14.86 -16.94 1.35
N LEU A 140 -15.40 -15.71 1.22
CA LEU A 140 -15.50 -15.08 -0.08
C LEU A 140 -14.88 -13.68 -0.10
N VAL A 141 -13.57 -13.65 -0.29
CA VAL A 141 -12.80 -12.44 -0.31
C VAL A 141 -12.32 -12.04 -1.71
N SER A 142 -12.18 -10.72 -1.94
CA SER A 142 -11.70 -10.16 -3.20
C SER A 142 -10.87 -8.91 -3.03
N ALA A 143 -9.71 -8.85 -3.70
CA ALA A 143 -8.88 -7.68 -3.57
C ALA A 143 -8.43 -7.24 -4.94
N ASN A 144 -8.29 -5.95 -5.07
CA ASN A 144 -7.87 -5.33 -6.29
C ASN A 144 -6.76 -4.31 -6.07
N ARG A 145 -5.95 -4.16 -7.08
CA ARG A 145 -4.90 -3.21 -7.00
C ARG A 145 -4.34 -2.82 -8.36
N LEU A 146 -3.77 -1.62 -8.36
CA LEU A 146 -3.10 -1.02 -9.48
C LEU A 146 -1.63 -0.90 -9.12
N PHE A 147 -0.79 -1.03 -10.13
CA PHE A 147 0.65 -0.96 -10.03
C PHE A 147 1.21 -0.16 -11.21
N GLY A 148 1.41 1.13 -10.98
CA GLY A 148 1.91 2.02 -12.01
C GLY A 148 3.39 2.33 -11.87
N ASP A 149 3.97 2.93 -12.92
CA ASP A 149 5.37 3.28 -12.88
C ASP A 149 5.62 4.42 -11.87
N LYS A 150 6.53 4.16 -10.92
CA LYS A 150 6.94 5.03 -9.83
C LYS A 150 7.41 6.42 -10.28
N SER A 151 7.41 6.61 -11.61
CA SER A 151 7.84 7.88 -12.17
C SER A 151 6.72 8.69 -12.81
N LEU A 152 5.68 8.01 -13.26
CA LEU A 152 4.60 8.75 -13.88
C LEU A 152 3.61 9.38 -12.91
N THR A 153 2.76 10.21 -13.51
CA THR A 153 1.72 10.91 -12.79
C THR A 153 0.33 10.52 -13.27
N PHE A 154 -0.33 9.63 -12.57
CA PHE A 154 -1.65 9.21 -12.97
C PHE A 154 -2.75 10.24 -12.65
N ASN A 155 -3.90 10.11 -13.33
CA ASN A 155 -5.03 11.00 -13.10
C ASN A 155 -5.56 10.73 -11.68
N GLU A 156 -5.61 11.80 -10.89
CA GLU A 156 -6.05 11.74 -9.51
C GLU A 156 -7.44 11.14 -9.34
N THR A 157 -8.33 11.53 -10.25
CA THR A 157 -9.71 11.05 -10.19
C THR A 157 -9.74 9.57 -10.50
N TYR A 158 -8.96 9.22 -11.52
CA TYR A 158 -8.79 7.86 -11.98
C TYR A 158 -8.33 6.98 -10.82
N GLN A 159 -7.37 7.52 -10.08
CA GLN A 159 -6.83 6.84 -8.92
C GLN A 159 -7.86 6.68 -7.82
N ASP A 160 -8.52 7.80 -7.47
CA ASP A 160 -9.56 7.87 -6.43
C ASP A 160 -10.81 7.00 -6.67
N ILE A 161 -11.32 7.01 -7.93
CA ILE A 161 -12.46 6.22 -8.39
C ILE A 161 -12.11 4.74 -8.35
N SER A 162 -10.82 4.43 -8.58
CA SER A 162 -10.35 3.04 -8.57
C SER A 162 -10.37 2.51 -7.15
N GLU A 163 -9.96 3.34 -6.20
CA GLU A 163 -9.94 2.93 -4.81
C GLU A 163 -11.34 2.95 -4.19
N LEU A 164 -12.17 3.86 -4.70
CA LEU A 164 -13.54 4.02 -4.20
C LEU A 164 -14.55 2.99 -4.64
N VAL A 165 -14.41 2.59 -5.92
CA VAL A 165 -15.28 1.60 -6.53
C VAL A 165 -14.74 0.19 -6.37
N TYR A 166 -13.48 -0.01 -6.77
CA TYR A 166 -12.84 -1.30 -6.70
C TYR A 166 -11.96 -1.55 -5.50
N GLY A 167 -11.74 -0.49 -4.70
CA GLY A 167 -10.94 -0.55 -3.48
C GLY A 167 -9.50 -0.77 -3.84
N ALA A 168 -9.21 -0.35 -5.08
CA ALA A 168 -7.90 -0.47 -5.71
C ALA A 168 -6.96 0.66 -5.40
N LYS A 169 -5.87 0.31 -4.76
CA LYS A 169 -4.85 1.30 -4.44
C LYS A 169 -3.74 1.20 -5.49
N LEU A 170 -3.16 2.33 -5.81
CA LEU A 170 -2.11 2.38 -6.80
C LEU A 170 -0.72 2.29 -6.20
N GLN A 171 -0.10 1.10 -6.25
CA GLN A 171 1.25 0.87 -5.75
C GLN A 171 2.35 1.18 -6.77
N PRO A 172 3.13 2.22 -6.50
CA PRO A 172 4.21 2.60 -7.39
C PRO A 172 5.28 1.53 -7.52
N LEU A 173 5.54 1.12 -8.77
CA LEU A 173 6.53 0.10 -9.06
C LEU A 173 7.48 0.57 -10.17
N ASP A 174 8.75 0.41 -9.88
CA ASP A 174 9.78 0.79 -10.80
C ASP A 174 9.78 -0.14 -12.01
N PHE A 175 8.98 0.19 -13.03
CA PHE A 175 8.96 -0.66 -14.21
C PHE A 175 10.15 -0.40 -15.14
N LYS A 176 10.54 0.87 -15.20
CA LYS A 176 11.61 1.33 -16.08
C LYS A 176 12.92 0.69 -15.75
N GLU A 177 13.33 0.90 -14.50
CA GLU A 177 14.58 0.36 -13.98
C GLU A 177 14.54 -1.06 -13.43
N ASN A 178 13.41 -1.47 -12.82
CA ASN A 178 13.36 -2.81 -12.24
C ASN A 178 12.12 -3.66 -12.52
N ALA A 179 11.69 -3.73 -13.79
CA ALA A 179 10.52 -4.52 -14.24
C ALA A 179 10.39 -5.95 -13.70
N GLU A 180 11.46 -6.74 -13.76
CA GLU A 180 11.45 -8.12 -13.26
C GLU A 180 11.07 -8.20 -11.79
N GLN A 181 11.75 -7.37 -11.00
CA GLN A 181 11.52 -7.24 -9.59
C GLN A 181 10.09 -6.86 -9.37
N SER A 182 9.63 -6.04 -10.34
CA SER A 182 8.28 -5.51 -10.37
C SER A 182 7.26 -6.62 -10.43
N ARG A 183 7.43 -7.44 -11.44
CA ARG A 183 6.56 -8.58 -11.69
C ARG A 183 6.42 -9.40 -10.45
N ALA A 184 7.61 -9.79 -10.00
CA ALA A 184 7.85 -10.60 -8.80
C ALA A 184 7.08 -10.08 -7.62
N ALA A 185 7.08 -8.74 -7.46
CA ALA A 185 6.40 -8.04 -6.37
C ALA A 185 4.91 -8.23 -6.52
N ILE A 186 4.43 -7.96 -7.72
CA ILE A 186 3.03 -8.11 -8.07
C ILE A 186 2.58 -9.54 -7.80
N ASN A 187 3.41 -10.48 -8.27
CA ASN A 187 3.08 -11.87 -8.08
C ASN A 187 2.98 -12.18 -6.60
N LYS A 188 3.88 -11.62 -5.80
CA LYS A 188 3.91 -11.84 -4.34
C LYS A 188 2.69 -11.27 -3.66
N TRP A 189 2.21 -10.17 -4.22
CA TRP A 189 1.02 -9.55 -3.67
C TRP A 189 -0.16 -10.47 -3.82
N VAL A 190 -0.34 -10.95 -5.05
CA VAL A 190 -1.41 -11.86 -5.41
C VAL A 190 -1.40 -13.10 -4.55
N SER A 191 -0.20 -13.61 -4.31
CA SER A 191 0.03 -14.79 -3.50
C SER A 191 -0.46 -14.57 -2.09
N ASN A 192 -0.25 -13.32 -1.63
CA ASN A 192 -0.66 -12.92 -0.30
C ASN A 192 -2.16 -12.94 -0.20
N LYS A 193 -2.72 -12.41 -1.27
CA LYS A 193 -4.14 -12.25 -1.45
C LYS A 193 -4.90 -13.48 -1.86
N THR A 194 -4.16 -14.55 -2.13
CA THR A 194 -4.77 -15.81 -2.52
C THR A 194 -4.37 -16.98 -1.64
N GLU A 195 -3.81 -16.69 -0.46
CA GLU A 195 -3.40 -17.72 0.48
C GLU A 195 -2.31 -18.65 -0.03
N GLY A 196 -1.50 -18.14 -0.95
CA GLY A 196 -0.42 -18.90 -1.56
C GLY A 196 -0.85 -19.73 -2.77
N ARG A 197 -2.17 -19.78 -2.96
CA ARG A 197 -2.75 -20.52 -4.04
C ARG A 197 -2.34 -20.00 -5.41
N ILE A 198 -2.28 -18.71 -5.51
CA ILE A 198 -1.96 -18.10 -6.77
C ILE A 198 -0.68 -17.32 -6.76
N THR A 199 0.25 -17.89 -7.48
CA THR A 199 1.55 -17.32 -7.68
C THR A 199 1.78 -17.48 -9.17
N ASP A 200 2.55 -16.60 -9.82
CA ASP A 200 2.82 -16.71 -11.25
C ASP A 200 1.79 -16.14 -12.25
N VAL A 201 0.87 -15.30 -11.81
CA VAL A 201 -0.10 -14.74 -12.74
C VAL A 201 0.53 -14.03 -13.92
N ILE A 202 1.69 -13.41 -13.65
CA ILE A 202 2.44 -12.68 -14.64
C ILE A 202 3.63 -13.53 -15.00
N PRO A 203 3.68 -13.93 -16.26
CA PRO A 203 4.77 -14.76 -16.78
C PRO A 203 6.14 -14.06 -16.82
N SER A 204 7.17 -14.89 -16.92
CA SER A 204 8.58 -14.53 -16.94
C SER A 204 9.08 -13.40 -17.85
N GLU A 205 8.25 -12.86 -18.74
CA GLU A 205 8.74 -11.76 -19.58
C GLU A 205 7.66 -10.74 -19.93
N ALA A 206 6.55 -10.77 -19.19
CA ALA A 206 5.42 -9.87 -19.41
C ALA A 206 5.70 -8.40 -19.09
N ILE A 207 6.45 -8.15 -18.02
CA ILE A 207 6.75 -6.78 -17.63
C ILE A 207 8.08 -6.26 -18.16
N ASN A 208 8.02 -5.05 -18.72
CA ASN A 208 9.24 -4.45 -19.23
C ASN A 208 9.35 -2.97 -18.90
N GLU A 209 10.44 -2.38 -19.34
CA GLU A 209 10.73 -0.97 -19.12
C GLU A 209 9.62 -0.04 -19.57
N LEU A 210 8.79 -0.50 -20.53
CA LEU A 210 7.71 0.32 -21.06
C LEU A 210 6.35 0.08 -20.43
N THR A 211 6.32 -0.64 -19.31
CA THR A 211 5.06 -0.89 -18.63
C THR A 211 4.65 0.35 -17.85
N VAL A 212 3.47 0.88 -18.17
CA VAL A 212 2.96 2.06 -17.50
C VAL A 212 2.20 1.68 -16.22
N LEU A 213 1.30 0.70 -16.37
CA LEU A 213 0.48 0.29 -15.26
C LEU A 213 0.13 -1.18 -15.33
N VAL A 214 -0.44 -1.69 -14.25
CA VAL A 214 -0.85 -3.08 -14.20
C VAL A 214 -2.08 -3.22 -13.31
N LEU A 215 -3.21 -3.56 -13.94
CA LEU A 215 -4.47 -3.73 -13.26
C LEU A 215 -4.59 -5.16 -12.79
N VAL A 216 -4.91 -5.31 -11.52
CA VAL A 216 -4.98 -6.64 -10.93
C VAL A 216 -6.20 -6.89 -10.04
N ASN A 217 -6.76 -8.06 -10.23
CA ASN A 217 -7.89 -8.53 -9.47
C ASN A 217 -7.53 -9.90 -8.91
N THR A 218 -8.15 -10.22 -7.78
CA THR A 218 -7.93 -11.49 -7.11
C THR A 218 -9.20 -11.96 -6.44
N ILE A 219 -9.42 -13.26 -6.43
CA ILE A 219 -10.57 -13.85 -5.77
C ILE A 219 -10.16 -15.11 -5.02
N TYR A 220 -10.65 -15.21 -3.78
CA TYR A 220 -10.31 -16.33 -2.95
C TYR A 220 -11.52 -16.91 -2.26
N PHE A 221 -11.74 -18.21 -2.45
CA PHE A 221 -12.84 -18.92 -1.85
C PHE A 221 -12.37 -20.19 -1.17
N LYS A 222 -13.02 -20.46 -0.05
CA LYS A 222 -12.85 -21.62 0.79
C LYS A 222 -14.16 -21.86 1.46
N GLY A 223 -14.66 -23.07 1.27
CA GLY A 223 -15.96 -23.43 1.83
C GLY A 223 -16.07 -24.85 2.35
N LEU A 224 -17.01 -25.00 3.25
CA LEU A 224 -17.27 -26.27 3.87
C LEU A 224 -18.53 -26.90 3.30
N TRP A 225 -18.44 -28.22 3.15
CA TRP A 225 -19.58 -28.96 2.62
C TRP A 225 -20.68 -28.95 3.67
N LYS A 226 -21.85 -28.56 3.21
CA LYS A 226 -23.06 -28.56 3.99
C LYS A 226 -23.24 -30.01 4.48
N SER A 227 -22.78 -30.96 3.64
CA SER A 227 -22.80 -32.42 3.82
C SER A 227 -21.53 -32.95 3.24
N LYS A 228 -20.62 -33.31 4.13
CA LYS A 228 -19.32 -33.79 3.73
C LYS A 228 -19.11 -35.28 3.60
N PHE A 229 -18.15 -35.63 2.72
CA PHE A 229 -17.74 -37.00 2.51
C PHE A 229 -16.78 -37.38 3.66
N SER A 230 -16.58 -38.66 3.93
CA SER A 230 -15.67 -39.08 4.99
C SER A 230 -14.53 -39.94 4.48
N PRO A 231 -13.32 -39.51 4.79
CA PRO A 231 -12.12 -40.21 4.37
C PRO A 231 -12.13 -41.75 4.43
N GLU A 232 -13.00 -42.31 5.29
CA GLU A 232 -13.15 -43.76 5.50
C GLU A 232 -13.76 -44.46 4.29
N ASN A 233 -14.67 -43.73 3.63
CA ASN A 233 -15.35 -44.23 2.45
C ASN A 233 -14.61 -43.93 1.18
N THR A 234 -13.63 -43.02 1.27
CA THR A 234 -12.85 -42.68 0.09
C THR A 234 -12.00 -43.82 -0.38
N ARG A 235 -11.94 -44.04 -1.68
CA ARG A 235 -11.15 -45.11 -2.27
C ARG A 235 -10.32 -44.72 -3.48
N LYS A 236 -9.09 -45.23 -3.52
CA LYS A 236 -8.21 -44.96 -4.64
C LYS A 236 -8.60 -45.86 -5.79
N GLU A 237 -8.41 -45.41 -7.00
CA GLU A 237 -8.77 -46.22 -8.16
C GLU A 237 -8.24 -45.74 -9.51
N LEU A 238 -8.34 -46.69 -10.42
CA LEU A 238 -7.97 -46.72 -11.82
C LEU A 238 -8.55 -45.63 -12.70
N PHE A 239 -7.69 -44.74 -13.22
CA PHE A 239 -8.10 -43.65 -14.09
C PHE A 239 -7.43 -43.63 -15.47
N TYR A 240 -8.23 -43.89 -16.50
CA TYR A 240 -7.76 -43.94 -17.87
C TYR A 240 -7.88 -42.64 -18.62
N LYS A 241 -6.87 -42.37 -19.45
CA LYS A 241 -6.81 -41.18 -20.26
C LYS A 241 -6.96 -41.48 -21.74
N ALA A 242 -7.10 -40.43 -22.55
CA ALA A 242 -7.23 -40.62 -23.97
C ALA A 242 -5.93 -41.14 -24.56
N ASP A 243 -5.95 -42.41 -24.96
CA ASP A 243 -4.78 -43.04 -25.53
C ASP A 243 -3.54 -43.00 -24.63
N GLY A 244 -3.67 -42.34 -23.48
CA GLY A 244 -2.60 -42.25 -22.49
C GLY A 244 -2.75 -43.38 -21.48
N GLU A 245 -1.66 -43.75 -20.81
CA GLU A 245 -1.74 -44.83 -19.84
C GLU A 245 -2.72 -44.54 -18.71
N SER A 246 -2.49 -45.19 -17.57
CA SER A 246 -3.36 -45.02 -16.42
C SER A 246 -2.73 -44.25 -15.26
N CYS A 247 -3.61 -43.71 -14.42
CA CYS A 247 -3.25 -42.94 -13.25
C CYS A 247 -4.17 -43.28 -12.10
N SER A 248 -3.83 -42.81 -10.91
CA SER A 248 -4.63 -43.11 -9.75
C SER A 248 -5.44 -41.95 -9.21
N ALA A 249 -6.70 -42.29 -8.90
CA ALA A 249 -7.63 -41.33 -8.38
C ALA A 249 -8.26 -41.75 -7.10
N SER A 250 -8.44 -40.77 -6.27
CA SER A 250 -9.05 -40.97 -4.99
C SER A 250 -10.47 -40.47 -5.13
N MET A 251 -11.39 -41.41 -5.16
CA MET A 251 -12.79 -41.10 -5.29
C MET A 251 -13.53 -41.06 -3.94
N MET A 252 -14.22 -39.95 -3.71
CA MET A 252 -15.01 -39.77 -2.52
C MET A 252 -16.39 -40.35 -2.75
N TYR A 253 -17.03 -40.72 -1.65
CA TYR A 253 -18.34 -41.31 -1.69
C TYR A 253 -19.26 -40.80 -0.59
N GLN A 254 -20.50 -40.62 -0.99
CA GLN A 254 -21.47 -40.19 -0.02
C GLN A 254 -22.88 -40.47 -0.47
N GLU A 255 -23.79 -40.52 0.48
CA GLU A 255 -25.18 -40.73 0.13
C GLU A 255 -26.03 -39.61 0.76
N GLY A 256 -26.98 -39.08 0.01
CA GLY A 256 -27.75 -38.03 0.66
C GLY A 256 -28.77 -37.36 -0.22
N LYS A 257 -29.50 -36.43 0.41
CA LYS A 257 -30.48 -35.65 -0.27
C LYS A 257 -29.81 -34.43 -0.84
N PHE A 258 -29.80 -34.39 -2.16
CA PHE A 258 -29.26 -33.28 -2.92
C PHE A 258 -30.27 -32.83 -3.99
N ARG A 259 -30.13 -31.60 -4.43
CA ARG A 259 -30.97 -31.05 -5.50
C ARG A 259 -30.37 -31.52 -6.81
N TYR A 260 -30.93 -32.59 -7.39
CA TYR A 260 -30.41 -33.17 -8.63
C TYR A 260 -31.39 -33.15 -9.78
N ARG A 261 -30.90 -33.47 -10.96
CA ARG A 261 -31.69 -33.58 -12.16
C ARG A 261 -30.93 -34.12 -13.36
N ARG A 262 -31.49 -35.18 -13.95
CA ARG A 262 -30.98 -35.77 -15.17
C ARG A 262 -31.66 -35.02 -16.31
N VAL A 263 -30.94 -34.08 -16.96
CA VAL A 263 -31.53 -33.27 -18.01
C VAL A 263 -31.56 -33.97 -19.35
N ALA A 264 -31.74 -33.19 -20.41
CA ALA A 264 -31.80 -33.71 -21.78
C ALA A 264 -30.58 -34.51 -22.17
N GLU A 265 -30.84 -35.56 -22.92
CA GLU A 265 -29.78 -36.42 -23.41
C GLU A 265 -29.09 -37.26 -22.35
N GLY A 266 -29.66 -37.30 -21.17
CA GLY A 266 -28.99 -38.08 -20.13
C GLY A 266 -27.92 -37.27 -19.41
N THR A 267 -27.93 -35.96 -19.62
CA THR A 267 -26.98 -35.10 -18.96
C THR A 267 -27.41 -34.93 -17.50
N GLN A 268 -26.45 -35.14 -16.59
CA GLN A 268 -26.69 -34.99 -15.14
C GLN A 268 -26.28 -33.60 -14.66
N VAL A 269 -27.07 -33.10 -13.70
CA VAL A 269 -26.94 -31.84 -13.03
C VAL A 269 -27.15 -32.06 -11.54
N LEU A 270 -26.10 -31.82 -10.78
CA LEU A 270 -26.09 -32.01 -9.35
C LEU A 270 -25.61 -30.79 -8.63
N GLU A 271 -26.29 -30.51 -7.53
CA GLU A 271 -25.96 -29.36 -6.69
C GLU A 271 -25.48 -29.78 -5.30
N LEU A 272 -24.29 -29.27 -4.96
CA LEU A 272 -23.61 -29.48 -3.70
C LEU A 272 -23.40 -28.11 -3.07
N PRO A 273 -24.21 -27.81 -2.10
CA PRO A 273 -24.07 -26.53 -1.47
C PRO A 273 -22.96 -26.53 -0.42
N PHE A 274 -22.62 -25.35 -0.01
CA PHE A 274 -21.62 -25.18 1.02
C PHE A 274 -22.38 -24.73 2.26
N LYS A 275 -21.73 -24.87 3.45
CA LYS A 275 -22.32 -24.45 4.72
C LYS A 275 -22.82 -23.06 4.50
N GLY A 276 -22.03 -22.37 3.71
CA GLY A 276 -22.34 -21.06 3.25
C GLY A 276 -23.27 -21.26 2.06
N ASP A 277 -24.45 -21.85 2.36
CA ASP A 277 -25.54 -22.19 1.45
C ASP A 277 -25.84 -21.13 0.39
N ASP A 278 -25.36 -19.89 0.59
CA ASP A 278 -25.55 -18.80 -0.35
C ASP A 278 -24.62 -19.07 -1.53
N ILE A 279 -23.76 -20.05 -1.30
CA ILE A 279 -22.77 -20.49 -2.26
C ILE A 279 -22.90 -21.98 -2.51
N THR A 280 -22.83 -22.37 -3.79
CA THR A 280 -22.93 -23.77 -4.17
C THR A 280 -22.03 -24.10 -5.33
N MET A 281 -21.85 -25.41 -5.52
CA MET A 281 -21.07 -26.03 -6.59
C MET A 281 -22.00 -26.90 -7.43
N VAL A 282 -22.10 -26.56 -8.68
CA VAL A 282 -22.94 -27.31 -9.58
C VAL A 282 -22.09 -28.17 -10.49
N LEU A 283 -22.46 -29.43 -10.58
CA LEU A 283 -21.77 -30.37 -11.41
C LEU A 283 -22.63 -30.72 -12.60
N ILE A 284 -22.01 -30.78 -13.77
CA ILE A 284 -22.75 -31.15 -14.96
C ILE A 284 -21.98 -32.24 -15.61
N LEU A 285 -22.56 -33.42 -15.64
CA LEU A 285 -21.92 -34.56 -16.24
C LEU A 285 -22.66 -34.99 -17.45
N PRO A 286 -21.98 -34.91 -18.57
CA PRO A 286 -22.62 -35.36 -19.79
C PRO A 286 -22.71 -36.88 -19.72
N LYS A 287 -23.79 -37.43 -20.31
CA LYS A 287 -24.05 -38.86 -20.36
C LYS A 287 -22.78 -39.63 -20.71
N PRO A 288 -22.45 -40.60 -19.86
CA PRO A 288 -21.28 -41.45 -19.99
C PRO A 288 -20.92 -41.75 -21.43
N GLU A 289 -19.65 -41.52 -21.75
CA GLU A 289 -19.16 -41.75 -23.10
C GLU A 289 -19.56 -40.66 -24.09
N LYS A 290 -20.46 -39.76 -23.68
CA LYS A 290 -20.88 -38.65 -24.54
C LYS A 290 -19.87 -37.54 -24.65
N SER A 291 -19.86 -36.92 -25.82
CA SER A 291 -18.97 -35.80 -26.08
C SER A 291 -19.44 -34.58 -25.31
N LEU A 292 -18.57 -34.12 -24.40
CA LEU A 292 -18.81 -32.96 -23.58
C LEU A 292 -19.05 -31.75 -24.46
N ALA A 293 -18.47 -31.82 -25.65
CA ALA A 293 -18.50 -30.79 -26.66
C ALA A 293 -19.87 -30.24 -27.01
N LYS A 294 -20.87 -31.11 -27.09
CA LYS A 294 -22.19 -30.59 -27.44
C LYS A 294 -22.65 -29.60 -26.40
N VAL A 295 -22.95 -30.15 -25.19
CA VAL A 295 -23.39 -29.41 -24.02
C VAL A 295 -22.69 -28.08 -23.94
N GLU A 296 -21.37 -28.15 -23.94
CA GLU A 296 -20.57 -26.96 -23.86
C GLU A 296 -20.92 -25.99 -24.98
N LYS A 297 -20.98 -26.54 -26.20
CA LYS A 297 -21.26 -25.80 -27.43
C LYS A 297 -22.56 -25.03 -27.38
N GLU A 298 -23.50 -25.57 -26.61
CA GLU A 298 -24.81 -24.97 -26.50
C GLU A 298 -25.04 -24.16 -25.21
N LEU A 299 -23.96 -23.98 -24.47
CA LEU A 299 -24.01 -23.28 -23.20
C LEU A 299 -24.42 -21.83 -23.21
N THR A 300 -25.54 -21.60 -22.53
CA THR A 300 -26.08 -20.26 -22.33
C THR A 300 -26.51 -20.16 -20.88
N PRO A 301 -26.53 -18.96 -20.34
CA PRO A 301 -26.97 -18.77 -18.96
C PRO A 301 -28.42 -19.23 -18.82
N GLU A 302 -29.16 -19.11 -19.93
CA GLU A 302 -30.55 -19.51 -19.97
C GLU A 302 -30.66 -21.04 -19.87
N VAL A 303 -29.83 -21.75 -20.64
CA VAL A 303 -29.80 -23.19 -20.60
C VAL A 303 -29.48 -23.65 -19.17
N LEU A 304 -28.50 -22.97 -18.57
CA LEU A 304 -28.06 -23.23 -17.20
C LEU A 304 -29.20 -23.04 -16.20
N GLN A 305 -29.78 -21.83 -16.23
CA GLN A 305 -30.91 -21.43 -15.40
C GLN A 305 -32.09 -22.42 -15.55
N GLU A 306 -32.24 -22.98 -16.73
CA GLU A 306 -33.28 -23.96 -16.97
C GLU A 306 -33.01 -25.21 -16.14
N TRP A 307 -31.77 -25.70 -16.22
CA TRP A 307 -31.31 -26.85 -15.48
C TRP A 307 -31.65 -26.70 -14.00
N LEU A 308 -31.19 -25.58 -13.50
CA LEU A 308 -31.40 -25.19 -12.13
C LEU A 308 -32.84 -25.34 -11.70
N ASP A 309 -33.69 -24.60 -12.41
CA ASP A 309 -35.14 -24.53 -12.25
C ASP A 309 -35.85 -25.88 -12.24
N GLU A 310 -35.15 -26.91 -12.68
CA GLU A 310 -35.62 -28.25 -12.77
C GLU A 310 -35.09 -29.12 -11.68
N LEU A 311 -34.06 -28.73 -10.97
CA LEU A 311 -33.49 -29.50 -9.89
C LEU A 311 -34.57 -29.79 -8.84
N GLU A 312 -34.61 -31.06 -8.40
CA GLU A 312 -35.50 -31.53 -7.36
C GLU A 312 -34.60 -32.18 -6.33
N GLU A 313 -35.01 -32.13 -5.05
CA GLU A 313 -34.22 -32.73 -3.99
C GLU A 313 -34.33 -34.26 -4.07
N MET A 314 -33.22 -34.97 -3.91
CA MET A 314 -33.32 -36.39 -4.02
C MET A 314 -32.18 -37.13 -3.31
N MET A 315 -32.52 -38.33 -2.82
CA MET A 315 -31.58 -39.22 -2.17
C MET A 315 -30.75 -39.87 -3.27
N LEU A 316 -29.42 -39.76 -3.11
CA LEU A 316 -28.55 -40.31 -4.13
C LEU A 316 -27.16 -40.58 -3.65
N VAL A 317 -26.40 -41.30 -4.46
CA VAL A 317 -25.02 -41.60 -4.13
C VAL A 317 -24.11 -40.83 -5.06
N VAL A 318 -23.21 -40.06 -4.43
CA VAL A 318 -22.24 -39.22 -5.08
C VAL A 318 -20.87 -39.80 -5.04
N HIS A 319 -20.35 -40.01 -6.22
CA HIS A 319 -18.98 -40.44 -6.42
C HIS A 319 -18.29 -39.21 -6.98
N MET A 320 -17.55 -38.52 -6.12
CA MET A 320 -16.86 -37.32 -6.52
C MET A 320 -15.37 -37.42 -6.18
N PRO A 321 -14.53 -36.84 -7.03
CA PRO A 321 -13.12 -36.94 -6.77
C PRO A 321 -12.59 -35.88 -5.83
N ARG A 322 -11.55 -36.33 -5.14
CA ARG A 322 -10.76 -35.53 -4.23
C ARG A 322 -9.59 -35.05 -5.11
N PHE A 323 -9.64 -33.81 -5.59
CA PHE A 323 -8.59 -33.38 -6.51
C PHE A 323 -8.27 -31.89 -6.48
N ARG A 324 -7.28 -31.56 -7.31
CA ARG A 324 -6.82 -30.20 -7.50
C ARG A 324 -6.50 -29.92 -8.97
N ILE A 325 -6.65 -28.68 -9.42
CA ILE A 325 -6.38 -28.29 -10.79
C ILE A 325 -6.01 -26.82 -10.84
N GLU A 326 -4.96 -26.52 -11.59
CA GLU A 326 -4.44 -25.17 -11.80
C GLU A 326 -4.68 -24.82 -13.24
N ASP A 327 -4.92 -23.54 -13.51
CA ASP A 327 -5.17 -23.07 -14.87
C ASP A 327 -4.59 -21.70 -15.11
N GLY A 328 -3.73 -21.60 -16.10
CA GLY A 328 -3.12 -20.31 -16.44
C GLY A 328 -3.21 -20.01 -17.93
N PHE A 329 -3.27 -18.74 -18.28
CA PHE A 329 -3.37 -18.35 -19.66
C PHE A 329 -3.59 -16.87 -19.90
N SER A 330 -3.15 -16.48 -21.09
CA SER A 330 -3.30 -15.14 -21.60
C SER A 330 -4.78 -15.05 -21.97
N LEU A 331 -5.30 -13.85 -22.25
CA LEU A 331 -6.70 -13.69 -22.57
C LEU A 331 -6.87 -12.91 -23.86
N LYS A 332 -5.78 -12.33 -24.28
CA LYS A 332 -5.66 -11.47 -25.45
C LYS A 332 -6.35 -12.04 -26.67
N GLU A 333 -5.88 -13.19 -27.04
CA GLU A 333 -6.39 -13.86 -28.21
C GLU A 333 -7.88 -14.13 -28.16
N GLN A 334 -8.29 -14.75 -27.08
CA GLN A 334 -9.68 -15.05 -26.95
C GLN A 334 -10.58 -13.82 -26.92
N LEU A 335 -10.20 -12.81 -26.14
CA LEU A 335 -10.98 -11.59 -26.07
C LEU A 335 -10.96 -10.86 -27.41
N GLN A 336 -9.89 -11.06 -28.17
CA GLN A 336 -9.84 -10.40 -29.44
C GLN A 336 -10.93 -10.95 -30.33
N ASP A 337 -11.02 -12.28 -30.38
CA ASP A 337 -12.04 -12.97 -31.18
C ASP A 337 -13.44 -12.58 -30.76
N MET A 338 -13.54 -12.16 -29.51
CA MET A 338 -14.79 -11.76 -28.92
C MET A 338 -15.15 -10.30 -29.18
N GLY A 339 -14.31 -9.59 -29.91
CA GLY A 339 -14.56 -8.20 -30.20
C GLY A 339 -13.62 -7.19 -29.54
N LEU A 340 -12.83 -7.62 -28.54
CA LEU A 340 -11.89 -6.74 -27.86
C LEU A 340 -10.65 -6.54 -28.70
N VAL A 341 -10.75 -5.63 -29.67
CA VAL A 341 -9.61 -5.39 -30.56
C VAL A 341 -8.80 -4.14 -30.24
N ASP A 342 -9.51 -3.01 -30.14
CA ASP A 342 -8.96 -1.68 -29.89
C ASP A 342 -8.02 -1.59 -28.71
N LEU A 343 -8.48 -2.16 -27.60
CA LEU A 343 -7.74 -2.21 -26.34
C LEU A 343 -6.36 -2.76 -26.53
N PHE A 344 -6.26 -3.76 -27.41
CA PHE A 344 -4.98 -4.37 -27.64
C PHE A 344 -4.06 -3.68 -28.67
N SER A 345 -4.57 -2.71 -29.44
CA SER A 345 -3.75 -2.01 -30.44
C SER A 345 -3.01 -0.75 -30.02
N PRO A 346 -1.66 -0.81 -30.08
CA PRO A 346 -0.83 0.31 -29.71
C PRO A 346 -1.27 1.54 -30.46
N GLU A 347 -1.59 1.28 -31.73
CA GLU A 347 -2.03 2.27 -32.66
C GLU A 347 -3.43 2.83 -32.51
N LYS A 348 -4.41 2.02 -32.09
CA LYS A 348 -5.77 2.54 -31.93
C LYS A 348 -6.38 2.49 -30.52
N SER A 349 -5.60 1.92 -29.56
CA SER A 349 -6.04 1.84 -28.16
C SER A 349 -6.34 3.22 -27.55
N LYS A 350 -7.40 3.30 -26.77
CA LYS A 350 -7.75 4.57 -26.19
C LYS A 350 -8.04 4.52 -24.71
N LEU A 351 -7.00 4.85 -23.93
CA LEU A 351 -7.01 4.90 -22.49
C LEU A 351 -6.57 6.25 -21.90
N PRO A 352 -7.05 7.37 -22.49
CA PRO A 352 -6.75 8.75 -22.08
C PRO A 352 -6.91 9.15 -20.60
N GLY A 353 -7.90 8.57 -19.93
CA GLY A 353 -8.15 8.94 -18.53
C GLY A 353 -7.35 8.20 -17.46
N ILE A 354 -6.07 7.99 -17.67
CA ILE A 354 -5.30 7.27 -16.67
C ILE A 354 -4.08 8.05 -16.12
N VAL A 355 -3.21 8.49 -17.02
CA VAL A 355 -2.11 9.30 -16.59
C VAL A 355 -2.45 10.76 -16.85
N ALA A 356 -2.21 11.57 -15.84
CA ALA A 356 -2.47 12.98 -15.88
C ALA A 356 -2.05 13.63 -17.19
N GLU A 357 -0.76 13.53 -17.51
CA GLU A 357 -0.22 14.17 -18.69
C GLU A 357 0.19 13.27 -19.86
N GLY A 358 -0.50 13.44 -20.98
CA GLY A 358 -0.22 12.74 -22.23
C GLY A 358 -0.69 11.30 -22.41
N ARG A 359 -1.63 10.82 -21.58
CA ARG A 359 -2.13 9.47 -21.74
C ARG A 359 -2.69 9.31 -23.16
N ASP A 360 -1.78 9.14 -24.12
CA ASP A 360 -2.17 9.04 -25.52
C ASP A 360 -1.47 7.93 -26.28
N ASP A 361 -1.20 6.82 -25.60
CA ASP A 361 -0.54 5.71 -26.26
C ASP A 361 -0.43 4.51 -25.35
N LEU A 362 -1.59 3.96 -25.00
CA LEU A 362 -1.57 2.84 -24.09
C LEU A 362 -2.41 1.65 -24.50
N TYR A 363 -1.75 0.64 -25.01
CA TYR A 363 -2.50 -0.52 -25.37
C TYR A 363 -2.27 -1.50 -24.25
N VAL A 364 -3.11 -2.51 -24.17
CA VAL A 364 -2.95 -3.57 -23.23
C VAL A 364 -2.08 -4.55 -24.00
N SER A 365 -0.85 -4.75 -23.52
CA SER A 365 0.06 -5.66 -24.21
C SER A 365 -0.55 -7.02 -24.10
N ASP A 366 -0.84 -7.40 -22.87
CA ASP A 366 -1.44 -8.66 -22.61
C ASP A 366 -2.14 -8.74 -21.25
N ALA A 367 -2.97 -9.77 -21.14
CA ALA A 367 -3.74 -10.02 -19.94
C ALA A 367 -3.57 -11.48 -19.55
N PHE A 368 -3.44 -11.71 -18.25
CA PHE A 368 -3.27 -13.03 -17.74
C PHE A 368 -4.31 -13.39 -16.69
N HIS A 369 -4.59 -14.69 -16.61
CA HIS A 369 -5.53 -15.28 -15.70
C HIS A 369 -4.91 -16.55 -15.13
N LYS A 370 -5.24 -16.84 -13.88
CA LYS A 370 -4.71 -18.00 -13.20
C LYS A 370 -5.67 -18.38 -12.10
N ALA A 371 -6.14 -19.61 -12.18
CA ALA A 371 -7.10 -20.14 -11.23
C ALA A 371 -6.63 -21.46 -10.68
N PHE A 372 -7.01 -21.68 -9.39
CA PHE A 372 -6.70 -22.83 -8.57
C PHE A 372 -7.99 -23.41 -8.03
N LEU A 373 -8.10 -24.72 -8.12
CA LEU A 373 -9.27 -25.42 -7.62
C LEU A 373 -8.85 -26.68 -6.87
N GLU A 374 -9.38 -26.83 -5.66
CA GLU A 374 -9.10 -27.96 -4.77
C GLU A 374 -10.37 -28.46 -4.12
N VAL A 375 -10.60 -29.76 -4.28
CA VAL A 375 -11.78 -30.41 -3.76
C VAL A 375 -11.45 -31.63 -2.92
N ASN A 376 -12.08 -31.70 -1.75
CA ASN A 376 -11.88 -32.79 -0.81
C ASN A 376 -13.11 -33.07 0.07
N GLU A 377 -12.91 -33.93 1.07
CA GLU A 377 -13.95 -34.35 1.98
C GLU A 377 -14.59 -33.26 2.85
N GLU A 378 -13.79 -32.30 3.22
CA GLU A 378 -14.26 -31.21 4.07
C GLU A 378 -15.04 -30.15 3.32
N GLY A 379 -14.63 -29.86 2.07
CA GLY A 379 -15.25 -28.86 1.21
C GLY A 379 -14.44 -28.62 -0.05
N SER A 380 -14.46 -27.37 -0.50
CA SER A 380 -13.77 -26.93 -1.69
C SER A 380 -13.11 -25.57 -1.49
N GLU A 381 -12.05 -25.34 -2.24
CA GLU A 381 -11.33 -24.10 -2.14
C GLU A 381 -10.79 -23.66 -3.50
N ALA A 382 -11.19 -22.45 -3.93
CA ALA A 382 -10.79 -21.87 -5.21
C ALA A 382 -10.23 -20.45 -5.11
N ALA A 383 -9.35 -20.13 -6.07
CA ALA A 383 -8.71 -18.83 -6.13
C ALA A 383 -8.33 -18.52 -7.58
N ALA A 384 -8.26 -17.24 -7.88
CA ALA A 384 -7.92 -16.77 -9.20
C ALA A 384 -7.44 -15.32 -9.18
N SER A 385 -6.79 -14.94 -10.31
CA SER A 385 -6.26 -13.61 -10.52
C SER A 385 -6.24 -13.33 -11.99
N THR A 386 -6.55 -12.06 -12.31
CA THR A 386 -6.58 -11.48 -13.61
C THR A 386 -5.78 -10.19 -13.54
N ALA A 387 -4.78 -10.07 -14.39
CA ALA A 387 -3.92 -8.91 -14.40
C ALA A 387 -3.66 -8.35 -15.78
N VAL A 388 -4.21 -7.15 -15.97
CA VAL A 388 -4.04 -6.43 -17.21
C VAL A 388 -2.79 -5.56 -17.23
N VAL A 389 -1.85 -5.85 -18.16
CA VAL A 389 -0.62 -5.07 -18.30
C VAL A 389 -0.65 -4.06 -19.46
N ILE A 390 -0.37 -2.81 -19.11
CA ILE A 390 -0.34 -1.69 -20.06
C ILE A 390 1.03 -1.50 -20.67
N ALA A 391 1.09 -1.51 -22.01
CA ALA A 391 2.32 -1.31 -22.76
C ALA A 391 3.48 -2.20 -22.33
N GLY A 392 3.31 -3.50 -22.35
CA GLY A 392 4.37 -4.40 -21.96
C GLY A 392 4.79 -5.24 -23.16
N ARG A 393 5.28 -6.45 -22.89
CA ARG A 393 5.70 -7.34 -23.94
C ARG A 393 4.65 -8.36 -24.35
N SER A 394 4.31 -8.37 -25.65
CA SER A 394 3.34 -9.33 -26.17
C SER A 394 3.90 -10.75 -26.04
N LEU A 395 3.03 -11.69 -25.70
CA LEU A 395 3.42 -13.09 -25.51
C LEU A 395 4.22 -13.33 -24.24
N ASN A 405 -8.19 -36.50 -21.07
CA ASN A 405 -8.21 -37.49 -20.04
C ASN A 405 -9.51 -37.52 -19.32
N ARG A 406 -10.54 -37.66 -20.22
CA ARG A 406 -12.05 -37.86 -20.01
C ARG A 406 -12.67 -37.18 -18.85
N PRO A 407 -13.98 -36.73 -19.03
CA PRO A 407 -15.13 -35.92 -18.43
C PRO A 407 -14.86 -34.52 -17.92
N PHE A 408 -15.93 -34.08 -17.24
CA PHE A 408 -16.28 -32.99 -16.30
C PHE A 408 -16.41 -31.44 -16.49
N LEU A 409 -17.46 -30.87 -15.81
CA LEU A 409 -17.86 -29.44 -15.72
C LEU A 409 -18.19 -28.99 -14.29
N VAL A 410 -17.50 -27.92 -13.83
CA VAL A 410 -17.66 -27.33 -12.47
C VAL A 410 -18.17 -25.89 -12.45
N PHE A 411 -18.97 -25.56 -11.43
CA PHE A 411 -19.51 -24.21 -11.31
C PHE A 411 -19.69 -23.77 -9.87
N ILE A 412 -18.94 -22.77 -9.45
CA ILE A 412 -19.07 -22.29 -8.10
C ILE A 412 -19.84 -21.02 -8.16
N ARG A 413 -21.08 -21.05 -7.67
CA ARG A 413 -21.89 -19.86 -7.80
C ARG A 413 -22.53 -19.25 -6.54
N GLU A 414 -22.77 -17.94 -6.64
CA GLU A 414 -23.41 -17.17 -5.60
C GLU A 414 -24.91 -17.15 -5.90
N VAL A 415 -25.67 -17.95 -5.12
CA VAL A 415 -27.13 -18.14 -5.25
C VAL A 415 -28.01 -16.90 -5.32
N PRO A 416 -28.02 -16.13 -4.27
CA PRO A 416 -28.80 -14.91 -4.21
C PRO A 416 -28.41 -13.87 -5.26
N LEU A 417 -27.09 -13.73 -5.44
CA LEU A 417 -26.51 -12.80 -6.38
C LEU A 417 -26.43 -13.28 -7.82
N ASN A 418 -26.84 -14.51 -8.09
CA ASN A 418 -26.81 -15.03 -9.44
C ASN A 418 -25.45 -14.85 -10.19
N THR A 419 -24.33 -15.05 -9.49
CA THR A 419 -23.04 -14.86 -10.14
C THR A 419 -22.22 -16.12 -10.22
N ILE A 420 -21.53 -16.24 -11.35
CA ILE A 420 -20.65 -17.35 -11.51
C ILE A 420 -19.32 -16.85 -10.98
N ILE A 421 -18.86 -17.40 -9.85
CA ILE A 421 -17.58 -16.96 -9.28
C ILE A 421 -16.42 -17.62 -9.99
N PHE A 422 -16.54 -18.94 -10.13
CA PHE A 422 -15.58 -19.82 -10.77
C PHE A 422 -16.28 -20.80 -11.70
N MET A 423 -15.54 -21.39 -12.62
CA MET A 423 -16.08 -22.39 -13.54
C MET A 423 -15.01 -23.14 -14.31
N GLY A 424 -15.27 -24.39 -14.57
CA GLY A 424 -14.25 -25.11 -15.28
C GLY A 424 -14.70 -26.50 -15.67
N ARG A 425 -13.73 -27.19 -16.22
CA ARG A 425 -13.81 -28.54 -16.73
C ARG A 425 -12.74 -29.36 -16.04
N VAL A 426 -13.13 -30.45 -15.40
CA VAL A 426 -12.15 -31.26 -14.75
C VAL A 426 -11.90 -32.43 -15.67
N ALA A 427 -10.75 -32.45 -16.34
CA ALA A 427 -10.38 -33.53 -17.25
C ALA A 427 -9.32 -34.46 -16.66
N ASN A 428 -8.86 -34.27 -15.42
CA ASN A 428 -7.86 -35.16 -14.86
C ASN A 428 -7.80 -35.13 -13.33
N PRO A 429 -8.42 -36.13 -12.68
CA PRO A 429 -8.49 -36.22 -11.22
C PRO A 429 -7.29 -36.89 -10.57
N CYS A 430 -6.41 -37.46 -11.37
CA CYS A 430 -5.24 -38.13 -10.81
C CYS A 430 -4.06 -37.19 -10.80
N VAL A 431 -4.41 -35.91 -10.81
CA VAL A 431 -3.50 -34.78 -10.81
C VAL A 431 -2.04 -35.03 -10.41
N LYS A 432 -1.17 -34.45 -11.25
CA LYS A 432 0.27 -34.50 -11.13
C LYS A 432 0.76 -34.45 -9.69
N HIS B 1 16.22 18.35 31.62
CA HIS B 1 16.07 17.04 31.01
C HIS B 1 15.00 17.02 29.95
N GLY B 2 13.81 17.49 30.35
CA GLY B 2 12.64 17.55 29.48
C GLY B 2 12.94 18.47 28.30
N SER B 3 14.03 19.20 28.48
CA SER B 3 14.52 20.14 27.52
C SER B 3 14.39 21.65 27.69
N PRO B 4 14.69 22.20 28.85
CA PRO B 4 14.70 23.63 29.05
C PRO B 4 15.95 23.88 29.87
N VAL B 5 16.87 24.67 29.31
CA VAL B 5 18.17 25.03 29.88
C VAL B 5 18.36 24.86 31.39
N ASP B 6 17.39 25.40 32.13
CA ASP B 6 17.32 25.37 33.59
C ASP B 6 17.90 24.10 34.15
N ILE B 7 17.02 23.27 34.64
CA ILE B 7 17.42 22.01 35.12
C ILE B 7 17.25 21.06 33.97
N CYS B 8 18.43 20.55 33.59
CA CYS B 8 18.62 19.52 32.61
C CYS B 8 18.58 18.32 33.52
N THR B 9 18.36 18.73 34.77
CA THR B 9 18.17 18.04 36.00
C THR B 9 19.31 17.17 36.45
N ALA B 10 20.21 17.83 37.16
CA ALA B 10 21.37 17.14 37.64
C ALA B 10 21.35 16.77 39.11
N LYS B 11 21.50 15.47 39.27
CA LYS B 11 21.59 14.73 40.50
C LYS B 11 22.12 13.39 40.05
N PRO B 12 21.67 12.97 38.86
CA PRO B 12 22.14 11.71 38.34
C PRO B 12 22.42 11.71 36.84
N ARG B 13 23.33 10.81 36.52
CA ARG B 13 23.75 10.51 35.18
C ARG B 13 23.20 9.11 34.96
N ASP B 14 22.98 8.51 36.13
CA ASP B 14 22.42 7.19 36.22
C ASP B 14 21.24 7.16 37.16
N ILE B 15 20.15 7.72 36.69
CA ILE B 15 18.91 7.72 37.44
C ILE B 15 17.65 7.41 36.60
N PRO B 16 17.64 6.20 36.03
CA PRO B 16 16.51 5.74 35.27
C PRO B 16 16.43 4.27 35.65
N MET B 17 15.39 3.95 36.38
CA MET B 17 15.22 2.58 36.81
C MET B 17 14.61 1.70 35.73
N ASN B 18 15.04 0.44 35.76
CA ASN B 18 14.59 -0.60 34.85
C ASN B 18 14.27 -1.84 35.66
N PRO B 19 13.07 -2.47 35.44
CA PRO B 19 12.68 -3.64 36.21
C PRO B 19 13.82 -4.63 36.30
N MET B 20 14.46 -4.75 35.12
CA MET B 20 15.61 -5.57 34.77
C MET B 20 15.58 -5.97 33.27
N CYS B 21 14.37 -6.17 32.70
CA CYS B 21 14.06 -6.57 31.30
C CYS B 21 15.14 -6.48 30.24
N ILE B 22 16.15 -5.64 30.46
CA ILE B 22 17.26 -5.41 29.56
C ILE B 22 17.72 -6.61 28.74
N TYR B 23 18.31 -6.26 27.59
CA TYR B 23 18.83 -7.18 26.59
C TYR B 23 20.35 -7.21 26.51
N ARG B 24 20.84 -8.27 25.85
CA ARG B 24 22.26 -8.48 25.62
C ARG B 24 22.62 -7.97 24.25
N SER B 25 23.19 -6.77 24.22
CA SER B 25 23.53 -6.20 22.95
C SER B 25 24.70 -6.94 22.33
N PRO B 26 24.63 -7.15 21.01
CA PRO B 26 25.70 -7.83 20.33
C PRO B 26 26.99 -7.06 20.60
N GLU B 27 28.09 -7.80 20.79
CA GLU B 27 29.38 -7.17 21.06
C GLU B 27 29.78 -6.21 19.96
N LYS B 28 29.04 -6.32 18.87
CA LYS B 28 29.22 -5.49 17.69
C LYS B 28 27.84 -5.26 17.10
N LYS B 29 27.36 -4.02 17.21
CA LYS B 29 26.05 -3.63 16.71
C LYS B 29 24.94 -4.49 17.28
N ALA B 43 22.93 17.68 24.29
CA ALA B 43 23.72 18.57 25.12
C ALA B 43 25.15 18.07 25.28
N THR B 44 25.46 16.98 24.60
CA THR B 44 26.78 16.42 24.71
C THR B 44 27.42 16.00 23.38
N ASN B 45 28.28 16.89 22.86
CA ASN B 45 28.96 16.64 21.59
C ASN B 45 29.97 15.51 21.63
N ARG B 46 29.58 14.35 21.11
CA ARG B 46 30.47 13.19 21.03
C ARG B 46 30.40 12.14 22.13
N ARG B 47 29.20 11.98 22.68
CA ARG B 47 28.87 11.01 23.71
C ARG B 47 27.44 10.60 23.43
N VAL B 48 26.82 11.57 22.78
CA VAL B 48 25.46 11.50 22.31
C VAL B 48 25.58 11.10 20.84
N TRP B 49 26.87 10.96 20.45
CA TRP B 49 27.28 10.54 19.11
C TRP B 49 26.64 9.20 18.79
N GLU B 50 27.00 8.20 19.60
CA GLU B 50 26.50 6.85 19.49
C GLU B 50 25.00 6.87 19.25
N LEU B 51 24.32 7.59 20.12
CA LEU B 51 22.88 7.75 20.02
C LEU B 51 22.49 8.29 18.63
N SER B 52 23.06 9.44 18.27
CA SER B 52 22.80 10.03 16.97
C SER B 52 23.06 9.07 15.84
N LYS B 53 24.23 8.42 15.89
CA LYS B 53 24.64 7.44 14.90
C LYS B 53 23.52 6.48 14.53
N ALA B 54 22.94 5.89 15.59
CA ALA B 54 21.83 4.97 15.56
C ALA B 54 20.57 5.69 15.09
N ASN B 55 20.29 6.87 15.63
CA ASN B 55 19.12 7.59 15.19
C ASN B 55 19.22 7.87 13.70
N SER B 56 20.45 8.17 13.26
CA SER B 56 20.70 8.45 11.86
C SER B 56 20.52 7.24 10.96
N ARG B 57 20.83 6.07 11.51
CA ARG B 57 20.64 4.84 10.74
C ARG B 57 19.15 4.56 10.46
N PHE B 58 18.36 4.64 11.53
CA PHE B 58 16.93 4.45 11.49
C PHE B 58 16.33 5.46 10.47
N ALA B 59 16.85 6.71 10.57
CA ALA B 59 16.46 7.78 9.69
C ALA B 59 16.55 7.35 8.24
N THR B 60 17.77 7.16 7.76
CA THR B 60 17.99 6.77 6.39
C THR B 60 17.18 5.54 5.98
N THR B 61 17.13 4.57 6.89
CA THR B 61 16.44 3.30 6.70
C THR B 61 14.96 3.47 6.47
N PHE B 62 14.27 4.08 7.44
CA PHE B 62 12.85 4.34 7.39
C PHE B 62 12.50 5.19 6.17
N TYR B 63 13.40 6.16 5.85
CA TYR B 63 13.23 7.07 4.73
C TYR B 63 13.33 6.36 3.39
N GLN B 64 14.39 5.56 3.25
CA GLN B 64 14.64 4.79 2.05
C GLN B 64 13.40 4.04 1.66
N HIS B 65 12.97 3.23 2.63
CA HIS B 65 11.82 2.35 2.61
C HIS B 65 10.58 3.07 2.15
N LEU B 66 10.23 4.10 2.90
CA LEU B 66 9.09 4.94 2.65
C LEU B 66 9.04 5.50 1.23
N ALA B 67 10.18 6.03 0.79
CA ALA B 67 10.34 6.61 -0.54
C ALA B 67 10.08 5.55 -1.59
N ASP B 68 10.59 4.35 -1.35
CA ASP B 68 10.38 3.24 -2.24
C ASP B 68 8.90 3.03 -2.43
N SER B 69 8.11 3.22 -1.36
CA SER B 69 6.66 3.04 -1.47
C SER B 69 6.01 4.24 -2.13
N LYS B 70 6.79 5.31 -2.31
CA LYS B 70 6.30 6.56 -2.86
C LYS B 70 6.57 6.78 -4.33
N ASN B 71 5.73 7.65 -4.90
CA ASN B 71 5.86 8.04 -6.29
C ASN B 71 6.85 9.19 -6.39
N ASP B 72 7.80 8.99 -7.33
CA ASP B 72 8.88 9.92 -7.60
C ASP B 72 8.49 11.39 -7.54
N ASN B 73 7.25 11.65 -7.94
CA ASN B 73 6.61 12.92 -8.06
C ASN B 73 6.02 13.44 -6.80
N ASP B 74 6.11 12.67 -5.73
CA ASP B 74 5.56 13.12 -4.48
C ASP B 74 6.61 13.75 -3.54
N ASN B 75 6.16 14.73 -2.75
CA ASN B 75 7.05 15.30 -1.79
C ASN B 75 7.00 14.46 -0.53
N ILE B 76 8.08 14.50 0.24
CA ILE B 76 8.22 13.81 1.50
C ILE B 76 8.81 14.75 2.57
N PHE B 77 8.24 14.70 3.75
CA PHE B 77 8.71 15.49 4.87
C PHE B 77 8.47 14.79 6.18
N LEU B 78 9.50 14.67 6.97
CA LEU B 78 9.26 14.06 8.27
C LEU B 78 10.35 14.34 9.27
N SER B 79 10.05 14.11 10.54
CA SER B 79 11.05 14.26 11.58
C SER B 79 11.42 12.88 12.13
N PRO B 80 12.45 12.28 11.55
CA PRO B 80 12.96 10.96 12.01
C PRO B 80 13.37 11.03 13.49
N LEU B 81 13.84 12.20 13.90
CA LEU B 81 14.21 12.51 15.27
C LEU B 81 12.97 12.27 16.18
N SER B 82 11.81 12.89 15.86
CA SER B 82 10.60 12.70 16.63
C SER B 82 10.27 11.21 16.89
N ILE B 83 10.26 10.49 15.76
CA ILE B 83 9.96 9.08 15.72
C ILE B 83 10.72 8.26 16.75
N SER B 84 12.03 8.40 16.75
CA SER B 84 12.91 7.66 17.63
C SER B 84 12.70 7.96 19.10
N THR B 85 12.54 9.26 19.40
CA THR B 85 12.30 9.74 20.73
C THR B 85 11.01 9.16 21.29
N ALA B 86 10.02 9.09 20.42
CA ALA B 86 8.73 8.59 20.80
C ALA B 86 8.79 7.15 21.21
N PHE B 87 9.46 6.37 20.34
CA PHE B 87 9.64 4.94 20.48
C PHE B 87 10.54 4.55 21.66
N ALA B 88 11.51 5.40 21.95
CA ALA B 88 12.45 5.20 23.03
C ALA B 88 11.76 5.29 24.38
N MET B 89 10.85 6.23 24.43
CA MET B 89 10.03 6.55 25.57
C MET B 89 9.06 5.44 25.81
N THR B 90 8.39 5.01 24.74
CA THR B 90 7.44 3.94 24.86
C THR B 90 8.09 2.65 25.34
N LYS B 91 9.35 2.48 24.91
CA LYS B 91 10.20 1.34 25.23
C LYS B 91 10.36 1.18 26.72
N LEU B 92 10.17 2.27 27.47
CA LEU B 92 10.25 2.35 28.94
C LEU B 92 9.38 1.29 29.59
N GLY B 93 8.18 1.07 29.05
CA GLY B 93 7.27 0.11 29.61
C GLY B 93 7.16 -1.17 28.79
N ALA B 94 8.11 -1.37 27.86
CA ALA B 94 8.11 -2.57 27.01
C ALA B 94 9.06 -3.63 27.55
N CYS B 95 8.70 -4.88 27.31
CA CYS B 95 9.45 -6.02 27.75
C CYS B 95 9.59 -7.08 26.66
N ASN B 96 10.41 -8.05 27.04
CA ASN B 96 10.83 -9.21 26.29
C ASN B 96 10.06 -9.49 25.04
N ASP B 97 10.66 -9.03 23.94
CA ASP B 97 10.16 -9.19 22.56
C ASP B 97 9.75 -7.95 21.85
N THR B 98 8.77 -7.29 22.45
CA THR B 98 8.27 -6.01 22.06
C THR B 98 9.47 -5.06 22.16
N LEU B 99 10.18 -5.19 23.27
CA LEU B 99 11.35 -4.41 23.60
C LEU B 99 12.51 -4.65 22.66
N GLN B 100 12.68 -5.92 22.30
CA GLN B 100 13.74 -6.37 21.40
C GLN B 100 13.62 -5.69 20.03
N GLN B 101 12.36 -5.76 19.55
CA GLN B 101 11.99 -5.19 18.28
C GLN B 101 12.24 -3.70 18.27
N LEU B 102 11.88 -3.05 19.38
CA LEU B 102 12.08 -1.63 19.53
C LEU B 102 13.51 -1.26 19.26
N MET B 103 14.43 -1.80 20.07
CA MET B 103 15.89 -1.59 19.95
C MET B 103 16.36 -1.84 18.54
N GLU B 104 16.07 -3.06 18.03
CA GLU B 104 16.45 -3.46 16.69
C GLU B 104 16.00 -2.44 15.65
N VAL B 105 14.68 -2.31 15.51
CA VAL B 105 14.14 -1.37 14.59
C VAL B 105 14.69 0.03 14.70
N PHE B 106 14.89 0.51 15.92
CA PHE B 106 15.37 1.87 16.10
C PHE B 106 16.90 1.97 16.17
N LYS B 107 17.55 0.82 15.86
CA LYS B 107 19.00 0.68 15.82
C LYS B 107 19.68 0.90 17.13
N PHE B 108 18.90 0.99 18.21
CA PHE B 108 19.43 1.20 19.55
C PHE B 108 20.41 0.08 19.88
N ASP B 109 20.25 -1.05 19.18
CA ASP B 109 21.11 -2.22 19.35
C ASP B 109 22.51 -2.03 18.78
N THR B 110 22.64 -1.42 17.60
CA THR B 110 23.90 -1.13 16.91
C THR B 110 24.81 -0.28 17.76
N ILE B 111 24.18 0.30 18.77
CA ILE B 111 24.81 1.18 19.72
C ILE B 111 26.18 0.73 20.23
N SER B 112 26.79 1.48 21.11
CA SER B 112 28.07 0.95 21.45
C SER B 112 28.22 0.29 22.80
N GLU B 113 27.49 -0.86 22.96
CA GLU B 113 27.43 -1.73 24.17
C GLU B 113 26.26 -1.35 25.08
N LYS B 114 26.52 -1.52 26.38
CA LYS B 114 25.64 -1.14 27.49
C LYS B 114 24.42 -1.91 27.92
N THR B 115 23.44 -1.02 28.15
CA THR B 115 22.07 -1.22 28.58
C THR B 115 21.18 -0.42 27.65
N SER B 116 19.92 -0.86 27.55
CA SER B 116 18.92 -0.20 26.72
C SER B 116 18.37 1.00 27.47
N ASP B 117 18.64 1.03 28.78
CA ASP B 117 18.21 2.08 29.66
C ASP B 117 19.08 3.32 29.55
N GLN B 118 20.34 3.09 29.19
CA GLN B 118 21.33 4.15 28.99
C GLN B 118 20.94 5.06 27.84
N ILE B 119 20.00 4.57 27.02
CA ILE B 119 19.45 5.30 25.90
C ILE B 119 18.66 6.49 26.43
N HIS B 120 18.02 6.28 27.58
CA HIS B 120 17.26 7.36 28.19
C HIS B 120 18.15 8.52 28.63
N PHE B 121 19.28 8.14 29.23
CA PHE B 121 20.26 9.10 29.69
C PHE B 121 20.79 9.94 28.53
N PHE B 122 21.11 9.29 27.40
CA PHE B 122 21.60 9.99 26.21
C PHE B 122 20.54 10.91 25.62
N PHE B 123 19.31 10.40 25.70
CA PHE B 123 18.19 11.15 25.20
C PHE B 123 18.01 12.39 26.06
N ALA B 124 18.20 12.22 27.37
CA ALA B 124 18.11 13.31 28.34
C ALA B 124 19.10 14.38 27.94
N LYS B 125 20.33 13.92 27.73
CA LYS B 125 21.42 14.76 27.32
C LYS B 125 21.17 15.36 25.95
N LEU B 126 20.74 14.50 25.01
CA LEU B 126 20.47 14.91 23.62
C LEU B 126 19.36 15.92 23.54
N ASN B 127 18.26 15.57 24.21
CA ASN B 127 17.08 16.43 24.28
C ASN B 127 17.47 17.73 24.91
N CYS B 128 17.96 17.64 26.17
CA CYS B 128 18.43 18.76 26.99
C CYS B 128 18.91 19.96 26.17
N ARG B 129 19.67 19.69 25.11
CA ARG B 129 20.15 20.74 24.23
C ARG B 129 19.23 21.01 23.04
N LEU B 130 18.56 19.98 22.56
CA LEU B 130 17.65 20.11 21.41
C LEU B 130 16.62 21.22 21.62
N TYR B 131 15.92 21.10 22.74
CA TYR B 131 14.92 22.09 23.10
C TYR B 131 15.43 22.74 24.35
N ARG B 132 15.19 24.02 24.58
CA ARG B 132 15.68 24.73 25.74
C ARG B 132 15.66 26.24 25.54
N LYS B 133 15.67 26.92 26.68
CA LYS B 133 15.71 28.37 26.76
C LYS B 133 16.67 28.99 25.77
N ALA B 134 16.38 30.22 25.42
CA ALA B 134 17.21 30.98 24.51
C ALA B 134 16.65 32.38 24.32
N ASN B 135 17.47 33.40 24.60
CA ASN B 135 17.02 34.77 24.44
C ASN B 135 16.96 35.10 22.97
N LYS B 136 17.47 34.17 22.15
CA LYS B 136 17.48 34.33 20.71
C LYS B 136 16.75 33.21 19.95
N SER B 137 15.78 33.63 19.12
CA SER B 137 14.91 32.76 18.34
C SER B 137 15.45 31.94 17.18
N SER B 138 14.95 30.70 17.22
CA SER B 138 15.11 29.54 16.37
C SER B 138 14.42 28.39 17.09
N LYS B 139 13.26 28.69 17.66
CA LYS B 139 12.53 27.70 18.41
C LYS B 139 12.39 26.27 17.82
N LEU B 140 12.53 25.28 18.72
CA LEU B 140 12.38 23.87 18.45
C LEU B 140 11.41 23.32 19.48
N VAL B 141 10.25 22.86 19.04
CA VAL B 141 9.26 22.33 19.98
C VAL B 141 8.97 20.84 19.86
N SER B 142 8.94 20.16 21.02
CA SER B 142 8.67 18.71 21.10
C SER B 142 7.24 18.34 21.54
N ALA B 143 6.56 17.62 20.69
CA ALA B 143 5.25 17.12 20.97
C ALA B 143 5.38 15.59 20.99
N ASN B 144 5.45 15.06 22.18
CA ASN B 144 5.61 13.63 22.36
C ASN B 144 4.64 13.10 23.44
N ARG B 145 3.54 12.45 23.00
CA ARG B 145 2.56 11.97 23.95
C ARG B 145 1.92 10.59 23.65
N LEU B 146 1.89 9.75 24.67
CA LEU B 146 1.28 8.46 24.53
C LEU B 146 -0.05 8.55 25.25
N PHE B 147 -1.11 8.27 24.50
CA PHE B 147 -2.44 8.34 25.06
C PHE B 147 -3.00 6.98 25.43
N GLY B 148 -3.56 6.94 26.61
CA GLY B 148 -4.12 5.71 27.13
C GLY B 148 -5.53 5.92 27.65
N ASP B 149 -6.30 4.84 27.75
CA ASP B 149 -7.66 4.98 28.23
C ASP B 149 -7.64 5.12 29.73
N LYS B 150 -8.56 5.93 30.27
CA LYS B 150 -8.64 6.20 31.72
C LYS B 150 -8.49 4.95 32.55
N SER B 151 -8.94 3.84 31.94
CA SER B 151 -8.93 2.50 32.50
C SER B 151 -7.52 1.95 32.68
N LEU B 152 -6.59 2.63 32.00
CA LEU B 152 -5.15 2.33 31.96
C LEU B 152 -4.34 3.17 32.94
N THR B 153 -3.57 2.45 33.76
CA THR B 153 -2.65 2.95 34.79
C THR B 153 -1.22 2.70 34.36
N PHE B 154 -0.44 3.76 34.41
CA PHE B 154 0.92 3.66 34.03
C PHE B 154 1.81 3.54 35.25
N ASN B 155 2.83 2.68 35.18
CA ASN B 155 3.73 2.51 36.29
C ASN B 155 4.34 3.86 36.67
N GLU B 156 4.61 4.00 37.92
CA GLU B 156 5.18 5.22 38.43
C GLU B 156 6.52 5.60 37.75
N THR B 157 7.40 4.61 37.64
CA THR B 157 8.73 4.80 37.01
C THR B 157 8.61 5.19 35.54
N TYR B 158 7.74 4.46 34.87
CA TYR B 158 7.47 4.70 33.48
C TYR B 158 7.12 6.17 33.29
N GLN B 159 6.21 6.63 34.12
CA GLN B 159 5.73 8.00 34.15
C GLN B 159 6.84 9.02 34.46
N ASP B 160 7.60 8.69 35.52
CA ASP B 160 8.68 9.48 36.03
C ASP B 160 9.77 9.76 35.04
N ILE B 161 10.24 8.68 34.42
CA ILE B 161 11.30 8.77 33.41
C ILE B 161 10.85 9.57 32.21
N SER B 162 9.61 9.29 31.83
CA SER B 162 8.98 9.96 30.72
C SER B 162 8.98 11.47 30.87
N GLU B 163 8.63 11.89 32.08
CA GLU B 163 8.55 13.32 32.38
C GLU B 163 9.93 13.98 32.47
N LEU B 164 10.87 13.30 33.12
CA LEU B 164 12.25 13.73 33.29
C LEU B 164 12.97 13.77 31.96
N VAL B 165 13.31 12.60 31.47
CA VAL B 165 14.03 12.44 30.22
C VAL B 165 13.38 13.11 29.03
N TYR B 166 12.17 12.69 28.79
CA TYR B 166 11.40 13.11 27.66
C TYR B 166 10.45 14.27 27.87
N GLY B 167 10.11 14.56 29.13
CA GLY B 167 9.18 15.64 29.32
C GLY B 167 7.86 15.20 28.69
N ALA B 168 7.68 13.87 28.65
CA ALA B 168 6.47 13.27 28.10
C ALA B 168 5.43 13.03 29.18
N LYS B 169 4.18 13.07 28.74
CA LYS B 169 3.02 12.83 29.58
C LYS B 169 2.32 11.55 29.11
N LEU B 170 2.07 10.59 30.02
CA LEU B 170 1.34 9.34 29.70
C LEU B 170 -0.11 9.65 29.99
N GLN B 171 -0.73 10.33 29.00
CA GLN B 171 -2.08 10.84 29.05
C GLN B 171 -3.32 9.97 29.08
N PRO B 172 -4.10 10.09 30.18
CA PRO B 172 -5.33 9.35 30.31
C PRO B 172 -6.45 10.13 29.62
N LEU B 173 -7.20 9.41 28.79
CA LEU B 173 -8.31 9.93 28.01
C LEU B 173 -9.50 8.99 28.09
N ASP B 174 -10.71 9.52 27.90
CA ASP B 174 -11.90 8.69 27.94
C ASP B 174 -12.25 8.21 26.52
N PHE B 175 -11.46 7.26 26.05
CA PHE B 175 -11.61 6.68 24.73
C PHE B 175 -12.97 5.99 24.61
N LYS B 176 -13.28 5.14 25.61
CA LYS B 176 -14.53 4.36 25.70
C LYS B 176 -15.82 5.15 25.44
N GLU B 177 -16.02 6.21 26.21
CA GLU B 177 -17.20 7.02 26.15
C GLU B 177 -17.08 8.35 25.41
N ASN B 178 -15.86 8.81 25.10
CA ASN B 178 -15.73 10.06 24.39
C ASN B 178 -14.63 10.08 23.33
N ALA B 179 -14.52 8.96 22.61
CA ALA B 179 -13.54 8.76 21.56
C ALA B 179 -13.35 9.96 20.65
N GLU B 180 -14.43 10.38 20.01
CA GLU B 180 -14.31 11.53 19.11
C GLU B 180 -13.75 12.72 19.86
N GLN B 181 -14.39 13.02 21.01
CA GLN B 181 -14.00 14.12 21.86
C GLN B 181 -12.52 14.03 22.22
N SER B 182 -12.08 12.77 22.41
CA SER B 182 -10.69 12.44 22.72
C SER B 182 -9.80 12.85 21.56
N ARG B 183 -10.07 12.23 20.40
CA ARG B 183 -9.35 12.52 19.17
C ARG B 183 -9.29 14.03 18.90
N ALA B 184 -10.32 14.77 19.30
CA ALA B 184 -10.35 16.20 19.10
C ALA B 184 -9.28 16.92 19.94
N ALA B 185 -9.16 16.47 21.20
CA ALA B 185 -8.20 17.01 22.18
C ALA B 185 -6.76 16.82 21.78
N ILE B 186 -6.48 15.62 21.36
CA ILE B 186 -5.16 15.25 20.90
C ILE B 186 -4.76 16.24 19.78
N ASN B 187 -5.69 16.37 18.81
CA ASN B 187 -5.53 17.21 17.65
C ASN B 187 -5.33 18.66 18.00
N LYS B 188 -6.07 19.15 19.01
CA LYS B 188 -5.99 20.54 19.47
C LYS B 188 -4.68 20.79 20.18
N TRP B 189 -4.24 19.80 20.91
CA TRP B 189 -3.01 19.92 21.62
C TRP B 189 -1.84 20.03 20.65
N VAL B 190 -1.75 19.12 19.66
CA VAL B 190 -0.66 19.17 18.69
C VAL B 190 -0.56 20.50 17.98
N SER B 191 -1.74 21.01 17.63
CA SER B 191 -1.94 22.29 16.96
C SER B 191 -1.34 23.38 17.81
N ASN B 192 -1.66 23.33 19.09
CA ASN B 192 -1.12 24.30 20.02
C ASN B 192 0.40 24.22 20.08
N LYS B 193 0.90 22.98 20.06
CA LYS B 193 2.32 22.73 20.08
C LYS B 193 2.98 22.95 18.70
N THR B 194 2.19 23.42 17.71
CA THR B 194 2.71 23.64 16.37
C THR B 194 2.36 25.02 15.82
N GLU B 195 1.86 25.91 16.70
CA GLU B 195 1.47 27.26 16.32
C GLU B 195 0.36 27.30 15.26
N GLY B 196 -0.50 26.30 15.34
CA GLY B 196 -1.61 26.20 14.42
C GLY B 196 -1.24 25.49 13.15
N ARG B 197 0.06 25.36 12.90
CA ARG B 197 0.57 24.70 11.69
C ARG B 197 0.03 23.31 11.45
N ILE B 198 0.26 22.38 12.38
CA ILE B 198 -0.25 21.03 12.21
C ILE B 198 -1.58 20.87 12.91
N THR B 199 -2.58 20.53 12.12
CA THR B 199 -3.91 20.37 12.67
C THR B 199 -4.32 18.92 12.91
N ASP B 200 -4.77 18.24 11.88
CA ASP B 200 -5.23 16.85 11.99
C ASP B 200 -4.11 15.81 12.14
N VAL B 201 -3.68 15.52 13.36
CA VAL B 201 -2.64 14.54 13.60
C VAL B 201 -3.18 13.12 13.60
N ILE B 202 -4.46 13.03 13.86
CA ILE B 202 -5.18 11.78 13.87
C ILE B 202 -6.31 12.04 12.94
N PRO B 203 -6.35 11.32 11.83
CA PRO B 203 -7.40 11.50 10.87
C PRO B 203 -8.72 10.99 11.43
N SER B 204 -9.81 11.40 10.78
CA SER B 204 -11.14 10.98 11.19
C SER B 204 -11.27 9.46 11.27
N GLU B 205 -12.00 9.00 12.28
CA GLU B 205 -12.26 7.60 12.54
C GLU B 205 -11.04 6.75 12.82
N ALA B 206 -10.08 7.38 13.50
CA ALA B 206 -8.85 6.70 13.86
C ALA B 206 -8.94 6.17 15.28
N ILE B 207 -9.71 6.90 16.09
CA ILE B 207 -9.90 6.57 17.47
C ILE B 207 -11.29 6.01 17.70
N ASN B 208 -11.40 4.92 18.46
CA ASN B 208 -12.67 4.32 18.80
C ASN B 208 -12.75 3.89 20.25
N GLU B 209 -13.94 3.44 20.66
CA GLU B 209 -14.15 3.02 22.03
C GLU B 209 -13.18 1.92 22.42
N LEU B 210 -12.79 1.18 21.40
CA LEU B 210 -11.88 0.07 21.48
C LEU B 210 -10.39 0.44 21.55
N THR B 211 -10.10 1.71 21.29
CA THR B 211 -8.75 2.25 21.32
C THR B 211 -8.23 2.43 22.74
N VAL B 212 -7.07 1.82 23.04
CA VAL B 212 -6.45 1.90 24.37
C VAL B 212 -5.25 2.82 24.48
N LEU B 213 -4.18 2.44 23.80
CA LEU B 213 -2.95 3.17 23.73
C LEU B 213 -2.67 3.75 22.34
N VAL B 214 -2.51 5.06 22.29
CA VAL B 214 -2.22 5.73 21.03
C VAL B 214 -1.09 6.75 21.14
N LEU B 215 -0.05 6.52 20.35
CA LEU B 215 1.15 7.36 20.31
C LEU B 215 1.10 8.51 19.30
N VAL B 216 1.41 9.71 19.78
CA VAL B 216 1.40 10.88 18.95
C VAL B 216 2.69 11.68 19.08
N ASN B 217 3.36 11.95 17.97
CA ASN B 217 4.63 12.70 18.01
C ASN B 217 4.87 13.61 16.84
N THR B 218 5.32 14.82 17.16
CA THR B 218 5.65 15.78 16.12
C THR B 218 6.72 16.70 16.62
N ILE B 219 7.53 17.25 15.71
CA ILE B 219 8.54 18.21 16.07
C ILE B 219 8.23 19.55 15.40
N TYR B 220 8.24 20.61 16.15
CA TYR B 220 7.94 21.92 15.58
C TYR B 220 9.19 22.82 15.54
N PHE B 221 9.53 23.29 14.34
CA PHE B 221 10.69 24.16 14.11
C PHE B 221 10.39 25.49 13.43
N LYS B 222 11.19 26.46 13.77
CA LYS B 222 11.12 27.79 13.20
C LYS B 222 12.55 28.27 13.19
N GLY B 223 12.99 28.87 12.12
CA GLY B 223 14.36 29.33 12.08
C GLY B 223 14.55 30.33 10.98
N LEU B 224 15.46 31.26 11.22
CA LEU B 224 15.81 32.32 10.31
C LEU B 224 17.08 31.95 9.57
N TRP B 225 17.09 32.33 8.28
CA TRP B 225 18.23 32.11 7.42
C TRP B 225 19.37 32.99 7.96
N LYS B 226 20.58 32.45 8.07
CA LYS B 226 21.69 33.27 8.54
C LYS B 226 21.95 34.26 7.42
N SER B 227 21.57 33.81 6.24
CA SER B 227 21.70 34.51 4.98
C SER B 227 20.42 34.48 4.17
N LYS B 228 19.56 35.42 4.48
CA LYS B 228 18.27 35.61 3.86
C LYS B 228 18.31 35.94 2.36
N PHE B 229 17.29 35.43 1.67
CA PHE B 229 17.11 35.71 0.28
C PHE B 229 16.21 36.91 0.29
N SER B 230 16.14 37.61 -0.85
CA SER B 230 15.30 38.79 -1.03
C SER B 230 14.20 38.48 -2.02
N PRO B 231 12.97 38.61 -1.58
CA PRO B 231 11.79 38.35 -2.41
C PRO B 231 11.78 39.18 -3.69
N GLU B 232 12.51 40.26 -3.65
CA GLU B 232 12.59 41.09 -4.82
C GLU B 232 13.39 40.38 -5.95
N ASN B 233 13.93 39.22 -5.65
CA ASN B 233 14.69 38.49 -6.63
C ASN B 233 14.16 37.11 -6.93
N THR B 234 12.95 36.88 -6.39
CA THR B 234 12.26 35.61 -6.58
C THR B 234 11.53 35.65 -7.92
N ARG B 235 11.88 34.70 -8.78
CA ARG B 235 11.30 34.69 -10.11
C ARG B 235 10.73 33.31 -10.45
N LYS B 236 9.58 33.33 -11.15
CA LYS B 236 8.98 32.08 -11.57
C LYS B 236 9.92 31.52 -12.58
N GLU B 237 10.15 30.23 -12.48
CA GLU B 237 10.99 29.46 -13.36
C GLU B 237 10.50 27.99 -13.38
N LEU B 238 10.96 27.23 -14.37
CA LEU B 238 10.59 25.84 -14.49
C LEU B 238 11.28 24.86 -13.58
N PHE B 239 10.43 24.01 -12.99
CA PHE B 239 10.85 22.91 -12.12
C PHE B 239 10.57 21.69 -12.94
N TYR B 240 11.60 20.88 -13.07
CA TYR B 240 11.51 19.67 -13.85
C TYR B 240 11.26 18.45 -12.99
N LYS B 241 9.99 18.03 -13.03
CA LYS B 241 9.47 16.91 -12.28
C LYS B 241 9.86 15.56 -12.83
N ALA B 242 9.88 14.56 -11.97
CA ALA B 242 10.22 13.20 -12.41
C ALA B 242 9.42 12.78 -13.62
N ASP B 243 8.13 13.14 -13.64
CA ASP B 243 7.21 12.80 -14.70
C ASP B 243 7.54 13.42 -16.05
N GLY B 244 8.78 13.74 -16.34
CA GLY B 244 9.11 14.35 -17.61
C GLY B 244 8.50 15.71 -17.89
N GLU B 245 7.65 16.21 -17.01
CA GLU B 245 7.03 17.50 -17.20
C GLU B 245 7.59 18.66 -16.39
N SER B 246 7.72 19.82 -17.03
CA SER B 246 8.22 21.01 -16.36
C SER B 246 7.12 21.50 -15.46
N CYS B 247 7.47 22.48 -14.64
CA CYS B 247 6.54 23.05 -13.70
C CYS B 247 7.01 24.47 -13.37
N SER B 248 6.13 25.32 -12.86
CA SER B 248 6.51 26.69 -12.56
C SER B 248 6.60 26.98 -11.09
N ALA B 249 7.81 27.31 -10.64
CA ALA B 249 8.01 27.61 -9.25
C ALA B 249 8.45 29.05 -9.01
N SER B 250 8.56 29.36 -7.70
CA SER B 250 9.02 30.64 -7.20
C SER B 250 10.45 30.38 -6.85
N MET B 251 11.35 30.83 -7.73
CA MET B 251 12.75 30.60 -7.50
C MET B 251 13.42 31.78 -6.84
N MET B 252 14.11 31.43 -5.74
CA MET B 252 14.83 32.36 -4.89
C MET B 252 16.27 32.67 -5.32
N TYR B 253 16.61 33.94 -5.01
CA TYR B 253 17.86 34.70 -5.21
C TYR B 253 18.97 34.23 -4.30
N GLN B 254 20.11 34.92 -4.37
CA GLN B 254 21.29 34.72 -3.56
C GLN B 254 22.58 34.30 -4.22
N GLU B 255 23.59 35.05 -3.84
CA GLU B 255 25.00 34.88 -4.12
C GLU B 255 25.65 35.13 -2.74
N GLY B 256 26.70 34.36 -2.39
CA GLY B 256 27.39 34.46 -1.09
C GLY B 256 28.09 33.16 -0.67
N LYS B 257 28.64 33.20 0.53
CA LYS B 257 29.38 32.11 1.14
C LYS B 257 28.46 31.11 1.73
N PHE B 258 28.75 29.87 1.37
CA PHE B 258 28.05 28.69 1.77
C PHE B 258 29.02 27.52 1.63
N ARG B 259 28.92 26.56 2.56
CA ARG B 259 29.75 25.36 2.53
C ARG B 259 29.18 24.47 1.43
N TYR B 260 30.02 24.08 0.48
CA TYR B 260 29.51 23.30 -0.62
C TYR B 260 30.51 22.32 -1.21
N ARG B 261 29.93 21.35 -1.89
CA ARG B 261 30.73 20.37 -2.56
C ARG B 261 29.96 19.60 -3.61
N ARG B 262 30.67 19.31 -4.71
CA ARG B 262 30.10 18.48 -5.77
C ARG B 262 30.66 17.09 -5.55
N VAL B 263 29.80 16.14 -5.21
CA VAL B 263 30.29 14.80 -4.91
C VAL B 263 30.15 13.78 -6.01
N ALA B 264 30.30 12.53 -5.59
CA ALA B 264 30.18 11.35 -6.45
C ALA B 264 28.91 11.35 -7.30
N GLU B 265 29.12 11.34 -8.62
CA GLU B 265 28.07 11.32 -9.62
C GLU B 265 27.54 12.68 -10.01
N GLY B 266 28.35 13.70 -9.74
CA GLY B 266 28.05 15.09 -10.06
C GLY B 266 26.98 15.67 -9.16
N THR B 267 26.73 14.99 -8.04
CA THR B 267 25.75 15.47 -7.09
C THR B 267 26.29 16.70 -6.36
N GLN B 268 25.42 17.65 -6.11
CA GLN B 268 25.90 18.78 -5.36
C GLN B 268 25.23 18.82 -4.00
N VAL B 269 26.04 19.07 -2.99
CA VAL B 269 25.64 19.20 -1.60
C VAL B 269 25.81 20.66 -1.20
N LEU B 270 24.78 21.19 -0.59
CA LEU B 270 24.71 22.56 -0.13
C LEU B 270 24.21 22.60 1.32
N GLU B 271 24.82 23.47 2.12
CA GLU B 271 24.42 23.65 3.50
C GLU B 271 24.01 25.08 3.70
N LEU B 272 22.81 25.29 4.20
CA LEU B 272 22.35 26.65 4.45
C LEU B 272 21.94 26.71 5.90
N PRO B 273 22.81 27.30 6.71
CA PRO B 273 22.57 27.40 8.13
C PRO B 273 21.55 28.47 8.53
N PHE B 274 21.01 28.25 9.73
CA PHE B 274 20.06 29.17 10.26
C PHE B 274 20.82 30.01 11.26
N LYS B 275 20.28 31.20 11.52
CA LYS B 275 20.83 32.13 12.47
C LYS B 275 21.28 31.38 13.73
N GLY B 276 22.57 31.44 14.03
CA GLY B 276 23.07 30.76 15.22
C GLY B 276 23.98 29.59 14.90
N ASP B 277 23.86 29.12 13.66
CA ASP B 277 24.65 28.03 13.11
C ASP B 277 24.49 26.63 13.69
N ASP B 278 23.77 26.53 14.82
CA ASP B 278 23.51 25.27 15.55
C ASP B 278 22.66 24.31 14.74
N ILE B 279 21.85 24.91 13.87
CA ILE B 279 20.92 24.24 12.99
C ILE B 279 21.14 24.69 11.56
N THR B 280 21.11 23.72 10.63
CA THR B 280 21.29 23.94 9.22
C THR B 280 20.37 23.08 8.36
N MET B 281 20.26 23.52 7.10
CA MET B 281 19.52 22.84 6.06
C MET B 281 20.51 22.39 4.99
N VAL B 282 20.60 21.09 4.82
CA VAL B 282 21.50 20.54 3.84
C VAL B 282 20.70 20.14 2.62
N LEU B 283 21.18 20.54 1.44
CA LEU B 283 20.52 20.22 0.17
C LEU B 283 21.37 19.26 -0.64
N ILE B 284 20.70 18.26 -1.19
CA ILE B 284 21.30 17.22 -2.04
C ILE B 284 20.60 17.25 -3.37
N LEU B 285 21.34 17.69 -4.41
CA LEU B 285 20.90 17.83 -5.80
C LEU B 285 21.74 17.05 -6.83
N PRO B 286 21.22 15.92 -7.28
CA PRO B 286 21.95 15.10 -8.24
C PRO B 286 21.90 15.77 -9.60
N LYS B 287 22.90 15.50 -10.45
CA LYS B 287 23.00 16.06 -11.78
C LYS B 287 21.84 15.63 -12.65
N PRO B 288 21.50 16.48 -13.62
CA PRO B 288 20.38 16.26 -14.51
C PRO B 288 20.08 14.83 -14.95
N GLU B 289 21.10 14.17 -15.43
CA GLU B 289 20.98 12.82 -15.91
C GLU B 289 21.01 11.77 -14.80
N LYS B 290 20.93 12.19 -13.54
CA LYS B 290 20.93 11.22 -12.44
C LYS B 290 19.67 11.33 -11.59
N SER B 291 18.93 10.24 -11.47
CA SER B 291 17.72 10.31 -10.69
C SER B 291 17.92 10.43 -9.17
N LEU B 292 16.98 11.11 -8.55
CA LEU B 292 16.94 11.27 -7.11
C LEU B 292 16.74 9.88 -6.49
N ALA B 293 15.92 9.10 -7.17
CA ALA B 293 15.61 7.75 -6.76
C ALA B 293 16.86 6.94 -6.58
N LYS B 294 17.80 7.15 -7.52
CA LYS B 294 19.06 6.44 -7.41
C LYS B 294 19.80 6.85 -6.15
N VAL B 295 19.92 8.18 -6.01
CA VAL B 295 20.57 8.82 -4.86
C VAL B 295 19.95 8.27 -3.59
N GLU B 296 18.60 8.27 -3.58
CA GLU B 296 17.89 7.73 -2.44
C GLU B 296 18.37 6.30 -2.12
N LYS B 297 18.45 5.40 -3.14
CA LYS B 297 18.91 4.04 -2.92
C LYS B 297 20.36 3.95 -2.49
N GLU B 298 21.22 4.87 -2.96
CA GLU B 298 22.63 4.83 -2.56
C GLU B 298 22.95 5.35 -1.17
N LEU B 299 22.01 6.07 -0.59
CA LEU B 299 22.19 6.66 0.73
C LEU B 299 22.74 5.73 1.78
N THR B 300 23.35 6.36 2.74
CA THR B 300 23.96 5.73 3.90
C THR B 300 24.32 6.85 4.87
N PRO B 301 24.07 6.64 6.15
CA PRO B 301 24.42 7.67 7.13
C PRO B 301 25.91 8.02 7.00
N GLU B 302 26.73 7.00 6.78
CA GLU B 302 28.16 7.16 6.59
C GLU B 302 28.52 7.95 5.33
N VAL B 303 27.74 7.74 4.26
CA VAL B 303 27.95 8.41 2.98
C VAL B 303 27.73 9.93 3.08
N LEU B 304 26.74 10.28 3.88
CA LEU B 304 26.38 11.66 4.13
C LEU B 304 27.46 12.30 4.95
N GLN B 305 27.92 11.55 5.96
CA GLN B 305 28.94 12.06 6.85
C GLN B 305 30.20 12.48 6.13
N GLU B 306 30.49 11.75 5.06
CA GLU B 306 31.61 11.96 4.15
C GLU B 306 31.39 13.30 3.41
N TRP B 307 30.22 13.39 2.76
CA TRP B 307 29.69 14.54 2.04
C TRP B 307 30.04 15.79 2.88
N LEU B 308 29.41 15.87 4.06
CA LEU B 308 29.63 16.97 4.99
C LEU B 308 31.11 17.26 5.25
N ASP B 309 31.84 16.22 5.58
CA ASP B 309 33.27 16.36 5.84
C ASP B 309 34.05 17.01 4.66
N GLU B 310 33.47 16.97 3.44
CA GLU B 310 34.06 17.50 2.22
C GLU B 310 33.71 18.94 1.90
N LEU B 311 32.70 19.46 2.60
CA LEU B 311 32.18 20.81 2.42
C LEU B 311 33.20 21.90 2.78
N GLU B 312 33.28 22.90 1.95
CA GLU B 312 34.18 23.99 2.18
C GLU B 312 33.44 25.29 1.85
N GLU B 313 33.60 26.31 2.72
CA GLU B 313 32.96 27.59 2.51
C GLU B 313 33.25 28.12 1.10
N MET B 314 32.22 28.54 0.38
CA MET B 314 32.44 29.03 -0.97
C MET B 314 31.47 30.13 -1.41
N MET B 315 31.93 30.93 -2.36
CA MET B 315 31.12 31.98 -2.93
C MET B 315 30.35 31.39 -4.10
N LEU B 316 29.07 31.16 -3.87
CA LEU B 316 28.19 30.54 -4.84
C LEU B 316 26.95 31.37 -5.25
N VAL B 317 26.31 30.85 -6.29
CA VAL B 317 25.08 31.35 -6.83
C VAL B 317 24.09 30.27 -6.47
N VAL B 318 23.06 30.65 -5.69
CA VAL B 318 22.03 29.74 -5.19
C VAL B 318 20.64 30.04 -5.68
N HIS B 319 20.02 29.01 -6.23
CA HIS B 319 18.67 29.06 -6.76
C HIS B 319 17.88 27.96 -6.06
N MET B 320 16.95 28.41 -5.23
CA MET B 320 16.08 27.58 -4.43
C MET B 320 14.65 28.03 -4.58
N PRO B 321 13.77 27.09 -4.77
CA PRO B 321 12.37 27.45 -4.87
C PRO B 321 11.80 27.51 -3.45
N ARG B 322 10.73 28.30 -3.26
CA ARG B 322 10.12 28.30 -1.96
C ARG B 322 9.32 27.03 -1.95
N PHE B 323 9.03 26.50 -0.78
CA PHE B 323 8.26 25.27 -0.72
C PHE B 323 7.54 25.08 0.62
N ARG B 324 6.53 24.24 0.60
CA ARG B 324 5.72 23.92 1.76
C ARG B 324 5.41 22.45 1.73
N ILE B 325 5.65 21.78 2.85
CA ILE B 325 5.38 20.38 2.95
C ILE B 325 4.64 19.97 4.22
N GLU B 326 3.44 19.48 4.03
CA GLU B 326 2.60 18.96 5.10
C GLU B 326 2.55 17.47 4.88
N ASP B 327 3.19 16.68 5.76
CA ASP B 327 3.19 15.23 5.60
C ASP B 327 2.83 14.51 6.86
N GLY B 328 1.68 13.85 6.77
CA GLY B 328 1.13 13.07 7.85
C GLY B 328 1.44 11.58 7.70
N PHE B 329 1.65 10.96 8.85
CA PHE B 329 1.95 9.54 8.92
C PHE B 329 1.19 8.79 9.99
N SER B 330 0.92 7.53 9.60
CA SER B 330 0.30 6.44 10.32
C SER B 330 1.39 5.36 10.28
N LEU B 331 2.26 5.42 11.31
CA LEU B 331 3.44 4.57 11.43
C LEU B 331 3.36 3.01 11.50
N LYS B 332 2.39 2.49 12.23
CA LYS B 332 2.15 1.08 12.46
C LYS B 332 2.54 0.13 11.34
N GLU B 333 2.04 0.41 10.14
CA GLU B 333 2.30 -0.39 8.96
C GLU B 333 3.77 -0.50 8.61
N GLN B 334 4.36 0.64 8.24
CA GLN B 334 5.77 0.71 7.89
C GLN B 334 6.61 0.01 8.95
N LEU B 335 6.37 0.43 10.20
CA LEU B 335 7.03 -0.11 11.35
C LEU B 335 6.86 -1.60 11.39
N GLN B 336 5.61 -2.05 11.26
CA GLN B 336 5.29 -3.47 11.24
C GLN B 336 6.15 -4.20 10.20
N ASP B 337 6.19 -3.59 9.00
CA ASP B 337 6.92 -4.04 7.83
C ASP B 337 8.41 -4.02 8.04
N MET B 338 8.84 -3.22 9.01
CA MET B 338 10.22 -3.07 9.38
C MET B 338 10.58 -4.07 10.48
N GLY B 339 9.59 -4.74 11.08
CA GLY B 339 9.91 -5.71 12.12
C GLY B 339 9.17 -5.55 13.46
N LEU B 340 8.75 -4.34 13.80
CA LEU B 340 8.03 -4.08 15.03
C LEU B 340 6.61 -4.63 14.95
N VAL B 341 6.45 -5.89 15.38
CA VAL B 341 5.18 -6.58 15.35
C VAL B 341 4.42 -6.63 16.67
N ASP B 342 4.99 -7.33 17.65
CA ASP B 342 4.43 -7.52 18.99
C ASP B 342 3.70 -6.32 19.59
N LEU B 343 4.43 -5.21 19.59
CA LEU B 343 3.95 -3.94 20.06
C LEU B 343 2.50 -3.65 19.62
N PHE B 344 2.22 -3.93 18.35
CA PHE B 344 0.90 -3.70 17.81
C PHE B 344 -0.08 -4.86 17.94
N SER B 345 0.27 -5.89 18.69
CA SER B 345 -0.67 -6.96 18.77
C SER B 345 -1.15 -7.19 20.18
N PRO B 346 -2.46 -7.29 20.30
CA PRO B 346 -3.05 -7.54 21.58
C PRO B 346 -2.48 -8.73 22.34
N GLU B 347 -2.26 -9.85 21.64
CA GLU B 347 -1.73 -11.05 22.23
C GLU B 347 -0.21 -11.08 22.41
N LYS B 348 0.52 -10.57 21.42
CA LYS B 348 1.98 -10.59 21.48
C LYS B 348 2.59 -9.56 22.38
N SER B 349 2.00 -8.35 22.38
CA SER B 349 2.52 -7.21 23.16
C SER B 349 2.86 -7.50 24.60
N LYS B 350 4.04 -6.97 25.03
CA LYS B 350 4.55 -7.10 26.40
C LYS B 350 4.87 -5.72 26.97
N LEU B 351 3.84 -5.10 27.51
CA LEU B 351 3.91 -3.77 28.06
C LEU B 351 3.71 -3.73 29.59
N PRO B 352 4.58 -4.42 30.30
CA PRO B 352 4.54 -4.51 31.75
C PRO B 352 4.25 -3.17 32.47
N GLY B 353 4.82 -2.07 31.98
CA GLY B 353 4.66 -0.77 32.58
C GLY B 353 3.27 -0.24 32.44
N ILE B 354 2.39 -1.07 31.85
CA ILE B 354 0.99 -0.75 31.64
C ILE B 354 -0.03 -1.74 32.21
N VAL B 355 0.31 -2.42 33.30
CA VAL B 355 -0.60 -3.33 33.98
C VAL B 355 -1.77 -2.46 34.43
N ALA B 356 -2.70 -2.26 33.49
CA ALA B 356 -3.84 -1.40 33.71
C ALA B 356 -5.20 -1.95 33.40
N GLU B 357 -5.52 -3.18 33.75
CA GLU B 357 -6.86 -3.65 33.48
C GLU B 357 -7.23 -4.86 34.31
N GLY B 358 -8.33 -5.49 33.89
CA GLY B 358 -8.89 -6.70 34.46
C GLY B 358 -8.75 -7.78 33.41
N ARG B 359 -7.83 -7.49 32.50
CA ARG B 359 -7.51 -8.32 31.36
C ARG B 359 -6.13 -7.93 30.81
N ASP B 360 -5.54 -8.82 30.02
CA ASP B 360 -4.21 -8.58 29.47
C ASP B 360 -4.07 -8.62 27.95
N ASP B 361 -4.66 -7.65 27.27
CA ASP B 361 -4.58 -7.50 25.83
C ASP B 361 -4.19 -6.05 25.46
N LEU B 362 -3.35 -5.49 26.33
CA LEU B 362 -2.86 -4.15 26.15
C LEU B 362 -1.79 -4.09 25.07
N TYR B 363 -2.03 -3.23 24.06
CA TYR B 363 -1.13 -3.04 22.94
C TYR B 363 -1.35 -1.69 22.33
N VAL B 364 -0.33 -1.18 21.64
CA VAL B 364 -0.44 0.09 20.93
C VAL B 364 -1.31 -0.10 19.68
N SER B 365 -2.39 0.67 19.63
CA SER B 365 -3.36 0.68 18.53
C SER B 365 -2.79 1.33 17.27
N ASP B 366 -1.85 2.28 17.46
CA ASP B 366 -1.17 3.01 16.39
C ASP B 366 -0.37 4.21 16.90
N ALA B 367 0.51 4.71 16.04
CA ALA B 367 1.39 5.85 16.25
C ALA B 367 1.18 6.83 15.11
N PHE B 368 0.94 8.07 15.49
CA PHE B 368 0.70 9.15 14.55
C PHE B 368 1.81 10.20 14.54
N HIS B 369 2.25 10.53 13.35
CA HIS B 369 3.28 11.53 13.17
C HIS B 369 3.01 12.40 11.95
N LYS B 370 3.12 13.71 12.15
CA LYS B 370 2.90 14.66 11.07
C LYS B 370 3.94 15.75 11.16
N ALA B 371 4.51 16.10 10.01
CA ALA B 371 5.54 17.12 9.90
C ALA B 371 5.16 18.18 8.92
N PHE B 372 5.53 19.37 9.27
CA PHE B 372 5.23 20.51 8.45
C PHE B 372 6.46 21.36 8.25
N LEU B 373 6.74 21.75 7.01
CA LEU B 373 7.89 22.56 6.66
C LEU B 373 7.51 23.64 5.69
N GLU B 374 7.80 24.87 6.08
CA GLU B 374 7.51 25.99 5.24
C GLU B 374 8.78 26.82 4.98
N VAL B 375 9.27 26.77 3.75
CA VAL B 375 10.46 27.50 3.35
C VAL B 375 10.25 28.69 2.43
N ASN B 376 10.82 29.83 2.85
CA ASN B 376 10.77 31.04 2.06
C ASN B 376 12.08 31.85 2.12
N GLU B 377 12.06 33.07 1.60
CA GLU B 377 13.25 33.94 1.59
C GLU B 377 13.82 34.25 2.96
N GLU B 378 12.93 34.52 3.97
CA GLU B 378 13.32 34.87 5.33
C GLU B 378 13.89 33.74 6.18
N GLY B 379 13.42 32.53 5.86
CA GLY B 379 13.83 31.33 6.58
C GLY B 379 12.69 30.35 6.66
N SER B 380 12.72 29.52 7.68
CA SER B 380 11.65 28.54 7.86
C SER B 380 10.51 29.04 8.74
N GLU B 381 9.33 29.16 8.16
CA GLU B 381 8.19 29.62 8.92
C GLU B 381 8.27 31.06 9.35
N ALA B 382 8.71 31.89 8.42
CA ALA B 382 8.81 33.30 8.68
C ALA B 382 8.48 34.06 7.42
N ALA B 383 7.76 35.13 7.59
CA ALA B 383 7.41 35.94 6.46
C ALA B 383 7.78 37.37 6.78
N ALA B 384 8.17 38.10 5.74
CA ALA B 384 8.55 39.49 5.82
C ALA B 384 9.25 40.00 4.58
N SER B 385 9.31 41.32 4.51
CA SER B 385 9.91 42.00 3.38
C SER B 385 11.34 42.37 3.68
N THR B 386 12.22 41.38 3.85
CA THR B 386 13.59 41.70 4.13
C THR B 386 14.42 41.94 2.89
N ALA B 387 14.18 43.09 2.24
CA ALA B 387 14.93 43.46 1.06
C ALA B 387 16.42 43.36 1.36
N VAL B 388 17.19 43.22 0.31
CA VAL B 388 18.63 43.09 0.42
C VAL B 388 19.35 44.09 -0.46
N VAL B 389 20.36 44.73 0.12
CA VAL B 389 21.13 45.70 -0.61
C VAL B 389 22.59 45.37 -0.40
N ILE B 390 23.26 45.01 -1.50
CA ILE B 390 24.67 44.63 -1.50
C ILE B 390 25.53 45.57 -2.31
N ALA B 391 26.43 46.27 -1.68
CA ALA B 391 27.32 47.19 -2.42
C ALA B 391 28.80 46.88 -2.27
N GLY B 392 29.54 47.23 -3.29
CA GLY B 392 31.00 47.01 -3.32
C GLY B 392 31.42 45.58 -3.59
N ARG B 393 30.49 44.83 -4.15
CA ARG B 393 30.65 43.42 -4.44
C ARG B 393 31.05 43.11 -5.89
N SER B 394 32.12 42.33 -6.01
CA SER B 394 32.67 41.91 -7.28
C SER B 394 33.17 40.46 -7.23
N LEU B 395 32.25 39.57 -7.51
CA LEU B 395 32.52 38.15 -7.50
C LEU B 395 33.22 37.59 -8.75
N ASN B 396 33.90 36.44 -8.59
CA ASN B 396 34.60 35.76 -9.69
C ASN B 396 33.63 35.16 -10.72
N PRO B 397 33.78 35.60 -11.97
CA PRO B 397 32.94 35.21 -13.09
C PRO B 397 32.76 33.71 -13.24
N ASN B 398 33.72 32.98 -12.69
CA ASN B 398 33.72 31.53 -12.79
C ASN B 398 33.13 30.81 -11.58
N ARG B 399 32.54 31.57 -10.67
CA ARG B 399 31.97 30.95 -9.50
C ARG B 399 30.89 29.96 -9.85
N VAL B 400 30.79 28.92 -9.04
CA VAL B 400 29.80 27.89 -9.23
C VAL B 400 28.39 28.37 -9.00
N THR B 401 27.47 27.58 -9.46
CA THR B 401 26.08 27.90 -9.30
C THR B 401 25.36 26.62 -8.91
N PHE B 402 24.32 26.79 -8.08
CA PHE B 402 23.44 25.76 -7.59
C PHE B 402 21.98 26.13 -7.94
N LYS B 403 21.47 25.60 -9.04
CA LYS B 403 20.10 25.87 -9.44
C LYS B 403 19.20 24.63 -9.20
N ALA B 404 18.50 24.60 -8.08
CA ALA B 404 17.63 23.47 -7.76
C ALA B 404 16.25 23.52 -8.43
N ASN B 405 16.26 23.18 -9.71
CA ASN B 405 15.11 23.18 -10.60
C ASN B 405 14.62 21.79 -11.08
N ARG B 406 14.92 20.80 -10.25
CA ARG B 406 14.53 19.41 -10.36
C ARG B 406 14.64 18.88 -8.94
N PRO B 407 13.98 17.77 -8.67
CA PRO B 407 13.93 17.21 -7.34
C PRO B 407 15.24 17.12 -6.54
N PHE B 408 15.14 17.30 -5.21
CA PHE B 408 16.25 17.25 -4.25
C PHE B 408 15.85 16.82 -2.84
N LEU B 409 16.86 16.35 -2.09
CA LEU B 409 16.71 15.91 -0.70
C LEU B 409 16.85 17.09 0.26
N VAL B 410 16.25 16.94 1.46
CA VAL B 410 16.31 18.01 2.44
C VAL B 410 16.54 17.50 3.83
N PHE B 411 17.62 17.98 4.43
CA PHE B 411 18.02 17.63 5.77
C PHE B 411 18.11 18.87 6.65
N ILE B 412 17.36 18.81 7.75
CA ILE B 412 17.43 19.89 8.70
C ILE B 412 18.10 19.27 9.89
N ARG B 413 19.39 19.56 10.06
CA ARG B 413 20.15 18.97 11.15
C ARG B 413 20.70 19.90 12.24
N GLU B 414 20.94 19.25 13.39
CA GLU B 414 21.50 19.87 14.58
C GLU B 414 22.98 19.52 14.58
N VAL B 415 23.77 20.56 14.28
CA VAL B 415 25.22 20.54 14.12
C VAL B 415 26.06 19.89 15.21
N PRO B 416 26.04 20.52 16.37
CA PRO B 416 26.78 20.03 17.52
C PRO B 416 26.33 18.66 17.97
N LEU B 417 25.02 18.38 17.90
CA LEU B 417 24.50 17.08 18.31
C LEU B 417 24.54 16.06 17.17
N ASN B 418 24.85 16.53 15.97
CA ASN B 418 24.93 15.68 14.81
C ASN B 418 23.68 14.80 14.70
N THR B 419 22.54 15.48 14.59
CA THR B 419 21.28 14.80 14.52
C THR B 419 20.45 15.23 13.35
N ILE B 420 19.85 14.26 12.65
CA ILE B 420 18.96 14.62 11.57
C ILE B 420 17.58 14.91 12.23
N ILE B 421 17.14 16.19 12.23
CA ILE B 421 15.86 16.61 12.83
C ILE B 421 14.70 16.25 11.93
N PHE B 422 14.81 16.72 10.73
CA PHE B 422 13.87 16.52 9.64
C PHE B 422 14.62 16.07 8.40
N MET B 423 13.92 15.29 7.60
CA MET B 423 14.38 14.79 6.31
C MET B 423 13.21 14.63 5.34
N GLY B 424 13.41 15.11 4.11
CA GLY B 424 12.41 15.05 3.04
C GLY B 424 12.97 15.06 1.63
N ARG B 425 12.11 15.41 0.72
CA ARG B 425 12.38 15.42 -0.70
C ARG B 425 11.48 16.41 -1.37
N VAL B 426 12.09 17.34 -2.08
CA VAL B 426 11.33 18.31 -2.82
C VAL B 426 11.11 17.82 -4.27
N ALA B 427 9.96 17.21 -4.50
CA ALA B 427 9.61 16.67 -5.82
C ALA B 427 8.74 17.57 -6.68
N ASN B 428 7.99 18.44 -6.02
CA ASN B 428 7.11 19.37 -6.71
C ASN B 428 6.90 20.55 -5.82
N PRO B 429 7.61 21.64 -6.06
CA PRO B 429 7.47 22.82 -5.24
C PRO B 429 6.42 23.81 -5.78
N CYS B 430 5.82 23.45 -6.90
CA CYS B 430 4.86 24.34 -7.52
C CYS B 430 3.46 24.29 -6.96
N VAL B 431 2.91 25.49 -6.78
CA VAL B 431 1.58 25.68 -6.26
C VAL B 431 0.53 25.39 -7.32
N LYS B 432 1.03 25.00 -8.49
CA LYS B 432 0.18 24.66 -9.61
C LYS B 432 0.63 23.38 -10.32
#